data_3PZP
#
_entry.id   3PZP
#
_cell.length_a   117.136
_cell.length_b   154.476
_cell.length_c   217.854
_cell.angle_alpha   90.00
_cell.angle_beta   90.00
_cell.angle_gamma   90.00
#
_symmetry.space_group_name_H-M   'C 2 2 21'
#
loop_
_entity.id
_entity.type
_entity.pdbx_description
1 polymer 'DNA polymerase kappa'
2 polymer "5'-D(*GP*GP*GP*GP*GP*AP*AP*GP*GP*AP*CP*CP*A)-3'"
3 polymer "5'-D(*TP*TP*CP*CP*(TTD)P*GP*GP*TP*CP*CP*TP*TP*CP*CP*CP*CP*C)-3'"
4 non-polymer "2'-DEOXYADENOSINE 5'-TRIPHOSPHATE"
5 non-polymer 'MAGNESIUM ION'
6 water water
#
loop_
_entity_poly.entity_id
_entity_poly.type
_entity_poly.pdbx_seq_one_letter_code
_entity_poly.pdbx_strand_id
1 'polypeptide(L)'
;GPGGDPHMGLNDNKAGMEGLDKEKINKIIMEATKGSRFYGNELKKEKQVNQRIENMMQQKAQITSQQLRKAQLQVDRFAM
ELEQSRNLSNTIVHIDMDAFYAAVEMRDNPELKDKPIAVGSMSMLSTSNYHARRFGVRAAMPGFIAKRLCPQLIIVPPNF
DKYRAVSKEVKEILADYDPNFMAMSLDEAYLNITKHLEERQNWPEDKRRYFIKMGSSVENDNPGKEVNKLSEHERSISPL
LFEESPSDVQPPGDPFQVNFEEQNNPQILQNSVVFGTSAQEVVKEIRFRIEQKTTLTASAGIAPNTMLAKVCSDKNKPNG
QYQILPNRQAVMDFIKDLPIRKVSGIGKVTEKMLKALGIITCTELYQQRALLSLLFSETSWHYFLHISLGLGSTHLTRDG
ERKSMSVERTFSEINKAEEQYSLCQELCSELAQDLQKERLKGRTVTIKLKNVNFEVKTRASTVSSVVSTAEEIFAIAKEL
LKTEIDADFPHPLRLRLMGVRISSFPNEEDRKHQQRS
;
A,B
2 'polydeoxyribonucleotide' (DG)(DG)(DG)(DG)(DG)(DA)(DA)(DG)(DG)(DA)(DC)(DC)(DA) P,Q
3 'polydeoxyribonucleotide' (DT)(DT)(DC)(DC)(TTD)(DG)(DG)(DT)(DC)(DC)(DT)(DT)(DC)(DC)(DC)(DC)(DC) T,U
#
loop_
_chem_comp.id
_chem_comp.type
_chem_comp.name
_chem_comp.formula
DA DNA linking 2'-DEOXYADENOSINE-5'-MONOPHOSPHATE 'C10 H14 N5 O6 P'
DC DNA linking 2'-DEOXYCYTIDINE-5'-MONOPHOSPHATE 'C9 H14 N3 O7 P'
DG DNA linking 2'-DEOXYGUANOSINE-5'-MONOPHOSPHATE 'C10 H14 N5 O7 P'
DT DNA linking THYMIDINE-5'-MONOPHOSPHATE 'C10 H15 N2 O8 P'
DTP non-polymer '2'-DEOXYADENOSINE 5'-TRIPHOSPHATE' 'C10 H16 N5 O12 P3'
MG non-polymer 'MAGNESIUM ION' 'Mg 2'
TTD DNA linking 'CIS-SYN CYCLOBUTANE THYMINE DIMER' 'C20 H28 N4 O15 P2'
#
# COMPACT_ATOMS: atom_id res chain seq x y z
N LYS A 14 -8.64 0.05 20.23
CA LYS A 14 -9.25 1.40 20.40
C LYS A 14 -10.32 1.61 19.33
N ALA A 15 -11.60 1.50 19.70
CA ALA A 15 -12.72 1.58 18.73
C ALA A 15 -14.03 2.12 19.33
N GLY A 16 -14.46 3.31 18.88
CA GLY A 16 -15.54 4.06 19.54
C GLY A 16 -15.37 5.58 19.43
N MET A 17 -14.47 6.16 20.25
CA MET A 17 -14.03 7.59 20.13
C MET A 17 -12.48 7.78 20.00
N GLU A 18 -12.05 8.13 18.79
CA GLU A 18 -10.68 8.62 18.51
C GLU A 18 -10.70 10.15 18.54
N GLY A 19 -9.53 10.78 18.33
CA GLY A 19 -9.38 12.25 18.39
C GLY A 19 -9.16 12.78 19.80
N LEU A 20 -8.33 12.05 20.55
CA LEU A 20 -8.26 12.17 22.02
C LEU A 20 -6.93 12.78 22.45
N ASP A 21 -6.93 13.35 23.67
CA ASP A 21 -5.73 13.94 24.26
C ASP A 21 -4.86 12.84 24.86
N LYS A 22 -4.14 12.11 24.01
CA LYS A 22 -3.33 10.96 24.44
C LYS A 22 -2.29 11.37 25.49
N GLU A 23 -1.83 12.61 25.41
CA GLU A 23 -0.89 13.19 26.38
C GLU A 23 -1.43 13.18 27.83
N LYS A 24 -2.38 14.07 28.16
CA LYS A 24 -2.91 14.16 29.52
C LYS A 24 -3.43 12.80 29.99
N ILE A 25 -4.17 12.12 29.12
CA ILE A 25 -4.80 10.83 29.47
C ILE A 25 -3.77 9.75 29.78
N ASN A 26 -2.66 9.70 29.06
CA ASN A 26 -1.61 8.74 29.40
C ASN A 26 -0.80 9.09 30.65
N LYS A 27 -0.59 10.37 30.92
CA LYS A 27 0.03 10.76 32.17
C LYS A 27 -0.82 10.23 33.32
N ILE A 28 -2.13 10.49 33.23
CA ILE A 28 -3.02 10.15 34.33
C ILE A 28 -3.05 8.65 34.56
N ILE A 29 -3.18 7.87 33.48
CA ILE A 29 -3.17 6.42 33.59
C ILE A 29 -1.90 5.95 34.24
N MET A 30 -0.81 6.69 34.02
CA MET A 30 0.46 6.32 34.61
C MET A 30 0.45 6.55 36.10
N GLU A 31 0.38 7.80 36.55
CA GLU A 31 0.41 8.11 37.98
C GLU A 31 -0.15 6.93 38.78
N ALA A 32 -1.35 6.47 38.43
CA ALA A 32 -2.01 5.38 39.16
C ALA A 32 -1.52 4.00 38.76
N THR A 33 -0.21 3.87 38.60
CA THR A 33 0.38 2.62 38.15
C THR A 33 1.92 2.57 38.39
N LYS A 34 2.63 3.67 38.14
CA LYS A 34 4.10 3.76 38.26
C LYS A 34 4.65 2.73 39.21
N GLY A 35 4.10 2.67 40.43
CA GLY A 35 4.58 1.74 41.48
C GLY A 35 3.62 0.64 41.93
N SER A 36 2.63 0.32 41.09
CA SER A 36 1.58 -0.64 41.45
C SER A 36 2.01 -2.08 41.23
N ARG A 37 1.82 -2.92 42.25
CA ARG A 37 2.12 -4.32 42.13
C ARG A 37 1.80 -4.80 40.73
N PHE A 38 0.64 -4.42 40.23
CA PHE A 38 0.24 -4.75 38.85
C PHE A 38 1.29 -4.36 37.84
N TYR A 39 1.62 -3.08 37.81
CA TYR A 39 2.60 -2.60 36.86
C TYR A 39 3.78 -3.56 36.80
N GLY A 40 4.31 -3.92 37.96
CA GLY A 40 5.44 -4.82 38.05
C GLY A 40 5.34 -6.04 37.17
N ASN A 41 4.29 -6.85 37.35
CA ASN A 41 4.13 -8.05 36.55
C ASN A 41 4.06 -7.74 35.07
N GLU A 42 3.29 -6.70 34.70
CA GLU A 42 3.28 -6.27 33.30
C GLU A 42 4.71 -5.93 32.88
N LEU A 43 5.29 -4.95 33.57
CA LEU A 43 6.61 -4.46 33.24
C LEU A 43 7.60 -5.61 32.99
N LYS A 44 7.43 -6.76 33.68
CA LYS A 44 8.28 -7.95 33.44
C LYS A 44 7.60 -9.06 32.61
N LYS A 45 6.32 -8.88 32.27
CA LYS A 45 5.65 -9.72 31.27
C LYS A 45 6.11 -9.23 29.89
N GLU A 46 6.48 -7.96 29.85
CA GLU A 46 7.00 -7.27 28.66
C GLU A 46 8.39 -7.77 28.25
N LYS A 47 9.30 -7.86 29.22
CA LYS A 47 10.60 -8.51 29.01
C LYS A 47 10.41 -9.78 28.20
N GLN A 48 9.40 -10.57 28.56
CA GLN A 48 9.08 -11.81 27.83
C GLN A 48 8.70 -11.54 26.38
N VAL A 49 7.99 -10.45 26.13
CA VAL A 49 7.60 -10.09 24.77
C VAL A 49 8.85 -9.64 23.99
N ASN A 50 9.61 -8.73 24.61
CA ASN A 50 10.86 -8.25 24.02
C ASN A 50 11.88 -9.36 23.73
N GLN A 51 12.00 -10.35 24.61
CA GLN A 51 12.95 -11.44 24.38
C GLN A 51 12.43 -12.48 23.38
N ARG A 52 11.12 -12.54 23.16
CA ARG A 52 10.55 -13.44 22.15
C ARG A 52 10.88 -12.94 20.78
N ILE A 53 10.91 -11.61 20.66
CA ILE A 53 11.33 -10.94 19.44
C ILE A 53 12.73 -11.41 19.01
N GLU A 54 13.67 -11.51 19.96
CA GLU A 54 14.99 -12.08 19.66
C GLU A 54 14.89 -13.42 18.96
N ASN A 55 14.31 -14.39 19.67
CA ASN A 55 14.10 -15.72 19.11
C ASN A 55 13.71 -15.66 17.63
N MET A 56 12.84 -14.72 17.29
CA MET A 56 12.38 -14.56 15.91
C MET A 56 13.47 -13.95 15.04
N MET A 57 14.12 -12.89 15.54
CA MET A 57 15.15 -12.17 14.77
C MET A 57 16.41 -13.02 14.60
N GLN A 58 16.65 -13.89 15.58
CA GLN A 58 17.73 -14.88 15.50
C GLN A 58 17.38 -15.94 14.45
N GLN A 59 16.15 -16.41 14.47
CA GLN A 59 15.69 -17.36 13.46
C GLN A 59 15.53 -16.75 12.06
N LYS A 60 15.65 -15.42 11.95
CA LYS A 60 15.65 -14.76 10.65
C LYS A 60 17.06 -14.76 10.11
N ALA A 61 17.98 -14.18 10.88
CA ALA A 61 19.39 -14.15 10.49
C ALA A 61 19.80 -15.48 9.87
N GLN A 62 19.29 -16.58 10.44
CA GLN A 62 19.55 -17.93 9.90
C GLN A 62 18.84 -18.25 8.58
N ILE A 63 17.79 -17.51 8.23
CA ILE A 63 17.09 -17.73 6.96
C ILE A 63 18.01 -17.35 5.78
N THR A 64 18.01 -18.16 4.73
CA THR A 64 18.88 -17.94 3.58
C THR A 64 18.07 -17.51 2.39
N SER A 65 18.76 -17.15 1.30
CA SER A 65 18.07 -16.63 0.13
C SER A 65 17.25 -17.72 -0.57
N GLN A 66 17.90 -18.79 -0.99
CA GLN A 66 17.22 -19.87 -1.71
C GLN A 66 16.12 -20.50 -0.86
N GLN A 67 16.27 -20.45 0.46
CA GLN A 67 15.19 -20.87 1.36
C GLN A 67 13.93 -20.06 1.04
N LEU A 68 14.03 -18.73 1.15
CA LEU A 68 12.89 -17.84 0.86
C LEU A 68 12.39 -18.12 -0.55
N ARG A 69 13.32 -18.14 -1.51
CA ARG A 69 12.98 -18.46 -2.89
C ARG A 69 12.07 -19.69 -2.94
N LYS A 70 12.42 -20.71 -2.16
CA LYS A 70 11.59 -21.91 -2.06
C LYS A 70 10.28 -21.59 -1.34
N ALA A 71 10.40 -21.10 -0.09
CA ALA A 71 9.24 -20.71 0.70
C ALA A 71 8.19 -19.99 -0.15
N GLN A 72 8.65 -19.16 -1.07
CA GLN A 72 7.78 -18.42 -1.98
C GLN A 72 6.83 -19.32 -2.75
N LEU A 73 7.34 -19.96 -3.80
CA LEU A 73 6.51 -20.77 -4.68
C LEU A 73 5.40 -21.53 -3.93
N GLN A 74 5.75 -22.17 -2.81
CA GLN A 74 4.76 -22.87 -1.97
C GLN A 74 3.61 -21.91 -1.71
N VAL A 75 3.95 -20.79 -1.09
CA VAL A 75 3.00 -19.76 -0.68
C VAL A 75 2.23 -19.17 -1.86
N ASP A 76 2.95 -18.72 -2.89
CA ASP A 76 2.35 -18.11 -4.09
C ASP A 76 1.29 -19.01 -4.68
N ARG A 77 1.68 -20.27 -4.90
CA ARG A 77 0.75 -21.32 -5.28
C ARG A 77 -0.44 -21.17 -4.37
N PHE A 78 -0.19 -21.29 -3.07
CA PHE A 78 -1.26 -21.23 -2.09
C PHE A 78 -2.16 -20.04 -2.34
N ALA A 79 -1.57 -18.85 -2.38
CA ALA A 79 -2.31 -17.65 -2.71
C ALA A 79 -3.21 -17.85 -3.92
N MET A 80 -2.71 -18.61 -4.91
CA MET A 80 -3.42 -18.78 -6.18
C MET A 80 -4.79 -19.44 -6.02
N GLU A 81 -4.83 -20.71 -5.62
CA GLU A 81 -6.13 -21.40 -5.53
C GLU A 81 -7.04 -20.73 -4.49
N LEU A 82 -6.48 -20.23 -3.37
CA LEU A 82 -7.28 -19.43 -2.42
C LEU A 82 -8.03 -18.37 -3.22
N GLU A 83 -7.29 -17.75 -4.13
CA GLU A 83 -7.79 -16.68 -4.98
C GLU A 83 -8.76 -17.22 -6.04
N GLN A 84 -8.49 -18.43 -6.54
CA GLN A 84 -9.42 -19.08 -7.47
C GLN A 84 -10.71 -19.54 -6.79
N SER A 85 -10.64 -19.78 -5.47
CA SER A 85 -11.80 -20.21 -4.67
C SER A 85 -12.50 -19.06 -3.92
N ARG A 86 -11.88 -17.87 -3.90
CA ARG A 86 -12.50 -16.68 -3.31
C ARG A 86 -13.98 -16.58 -3.68
N ASN A 87 -14.85 -16.49 -2.67
CA ASN A 87 -16.30 -16.47 -2.89
C ASN A 87 -16.93 -15.11 -2.66
N LEU A 88 -17.69 -14.63 -3.63
CA LEU A 88 -18.34 -13.33 -3.46
C LEU A 88 -19.86 -13.33 -3.64
N SER A 89 -20.48 -14.48 -3.85
CA SER A 89 -21.94 -14.51 -3.92
C SER A 89 -22.60 -14.28 -2.55
N ASN A 90 -21.87 -14.48 -1.46
CA ASN A 90 -22.45 -14.28 -0.14
C ASN A 90 -22.37 -12.81 0.33
N THR A 91 -23.48 -12.32 0.90
CA THR A 91 -23.54 -11.03 1.57
C THR A 91 -23.57 -11.30 3.06
N ILE A 92 -22.45 -11.05 3.73
CA ILE A 92 -22.37 -11.24 5.17
C ILE A 92 -22.59 -9.93 5.90
N VAL A 93 -23.44 -9.92 6.92
CA VAL A 93 -23.59 -8.77 7.78
C VAL A 93 -23.10 -9.14 9.17
N HIS A 94 -22.50 -8.18 9.86
CA HIS A 94 -22.11 -8.34 11.24
C HIS A 94 -22.73 -7.21 11.98
N ILE A 95 -23.63 -7.54 12.92
CA ILE A 95 -24.25 -6.53 13.79
C ILE A 95 -23.49 -6.48 15.08
N ASP A 96 -23.14 -5.28 15.52
CA ASP A 96 -22.44 -5.08 16.79
C ASP A 96 -23.11 -3.94 17.48
N MET A 97 -23.56 -4.17 18.70
CA MET A 97 -24.32 -3.18 19.43
C MET A 97 -23.39 -2.07 19.92
N ASP A 98 -24.00 -0.95 20.30
CA ASP A 98 -23.28 0.26 20.70
C ASP A 98 -23.23 0.39 22.22
N ALA A 99 -22.00 0.36 22.73
CA ALA A 99 -21.74 0.48 24.15
C ALA A 99 -22.71 -0.39 24.88
N PHE A 100 -22.80 -1.63 24.44
CA PHE A 100 -23.92 -2.48 24.83
C PHE A 100 -24.42 -2.41 26.30
N TYR A 101 -23.67 -2.92 27.27
CA TYR A 101 -24.22 -2.97 28.61
C TYR A 101 -24.60 -1.55 29.00
N ALA A 102 -23.64 -0.63 28.86
CA ALA A 102 -23.86 0.78 29.19
C ALA A 102 -25.13 1.33 28.58
N ALA A 103 -25.37 1.00 27.31
CA ALA A 103 -26.55 1.45 26.59
C ALA A 103 -27.83 0.90 27.16
N VAL A 104 -27.82 -0.33 27.65
CA VAL A 104 -29.01 -0.91 28.28
C VAL A 104 -29.32 -0.16 29.55
N GLU A 105 -28.30 -0.05 30.39
CA GLU A 105 -28.43 0.57 31.73
C GLU A 105 -28.97 1.97 31.55
N MET A 106 -28.41 2.72 30.61
CA MET A 106 -28.91 4.04 30.24
C MET A 106 -30.39 4.05 29.95
N ARG A 107 -30.79 3.10 29.14
CA ARG A 107 -32.18 2.95 28.77
C ARG A 107 -33.05 2.71 30.00
N ASP A 108 -32.62 1.79 30.88
CA ASP A 108 -33.42 1.36 32.02
C ASP A 108 -33.57 2.35 33.15
N ASN A 109 -32.65 3.30 33.22
CA ASN A 109 -32.62 4.26 34.32
C ASN A 109 -32.39 5.66 33.78
N PRO A 110 -33.46 6.32 33.34
CA PRO A 110 -33.34 7.60 32.65
C PRO A 110 -32.47 8.62 33.37
N GLU A 111 -32.49 8.63 34.69
CA GLU A 111 -31.61 9.47 35.51
C GLU A 111 -30.17 9.54 34.99
N LEU A 112 -29.72 8.51 34.28
CA LEU A 112 -28.37 8.45 33.69
C LEU A 112 -28.28 8.95 32.27
N LYS A 113 -29.35 9.57 31.75
CA LYS A 113 -29.45 9.84 30.30
C LYS A 113 -28.17 10.48 29.74
N ASP A 114 -27.88 11.67 30.25
CA ASP A 114 -26.90 12.54 29.65
C ASP A 114 -25.62 12.55 30.49
N LYS A 115 -25.18 11.38 30.93
CA LYS A 115 -24.03 11.31 31.84
C LYS A 115 -22.97 10.32 31.39
N PRO A 116 -21.70 10.61 31.70
CA PRO A 116 -20.72 9.59 31.45
C PRO A 116 -20.97 8.45 32.39
N ILE A 117 -21.18 7.25 31.86
CA ILE A 117 -21.26 6.04 32.70
C ILE A 117 -20.32 4.94 32.21
N ALA A 118 -20.19 3.94 33.05
CA ALA A 118 -19.58 2.68 32.65
C ALA A 118 -20.26 1.63 33.49
N VAL A 119 -20.19 0.40 33.02
CA VAL A 119 -20.80 -0.68 33.72
C VAL A 119 -19.63 -1.47 34.24
N GLY A 120 -19.59 -1.69 35.55
CA GLY A 120 -18.46 -2.39 36.18
C GLY A 120 -18.25 -2.08 37.64
N SER A 121 -17.03 -1.73 37.99
CA SER A 121 -16.60 -1.77 39.37
C SER A 121 -15.37 -0.92 39.56
N MET A 122 -15.15 -0.49 40.79
CA MET A 122 -14.05 0.38 41.05
C MET A 122 -12.76 -0.30 40.63
N SER A 123 -12.79 -1.64 40.51
CA SER A 123 -11.59 -2.35 40.04
C SER A 123 -11.55 -2.60 38.53
N MET A 124 -12.68 -2.70 37.85
CA MET A 124 -12.66 -2.85 36.38
C MET A 124 -13.99 -2.57 35.66
N LEU A 125 -13.91 -1.78 34.59
CA LEU A 125 -15.04 -1.44 33.73
C LEU A 125 -15.16 -2.44 32.62
N SER A 126 -16.38 -2.85 32.34
CA SER A 126 -16.64 -3.76 31.25
C SER A 126 -17.02 -3.00 30.00
N THR A 127 -17.66 -1.85 30.16
CA THR A 127 -17.86 -0.99 29.03
C THR A 127 -18.17 0.39 29.49
N SER A 128 -18.34 1.31 28.56
CA SER A 128 -18.62 2.68 28.94
C SER A 128 -19.33 3.36 27.81
N ASN A 129 -20.21 4.29 28.16
CA ASN A 129 -20.98 4.97 27.14
C ASN A 129 -20.09 5.94 26.40
N TYR A 130 -20.51 6.29 25.18
CA TYR A 130 -19.67 7.06 24.29
C TYR A 130 -19.33 8.39 24.91
N HIS A 131 -20.25 8.90 25.71
CA HIS A 131 -19.98 10.12 26.43
C HIS A 131 -18.69 9.99 27.20
N ALA A 132 -18.65 9.03 28.11
CA ALA A 132 -17.52 8.89 29.00
C ALA A 132 -16.28 8.67 28.17
N ARG A 133 -16.43 7.89 27.10
CA ARG A 133 -15.34 7.66 26.18
C ARG A 133 -14.55 8.90 25.80
N ARG A 134 -15.23 10.05 25.75
CA ARG A 134 -14.58 11.30 25.40
C ARG A 134 -13.53 11.61 26.44
N PHE A 135 -13.73 11.22 27.70
CA PHE A 135 -12.72 11.49 28.71
C PHE A 135 -11.58 10.53 28.68
N GLY A 136 -11.75 9.41 28.00
CA GLY A 136 -10.67 8.43 27.93
C GLY A 136 -11.02 7.10 28.58
N VAL A 137 -11.97 7.10 29.50
CA VAL A 137 -12.52 5.86 30.05
C VAL A 137 -12.90 4.88 28.93
N ARG A 138 -12.45 3.63 29.05
CA ARG A 138 -12.65 2.60 28.03
C ARG A 138 -12.79 1.23 28.71
N ALA A 139 -13.42 0.25 28.05
CA ALA A 139 -13.53 -1.13 28.62
C ALA A 139 -12.16 -1.73 28.87
N ALA A 140 -12.10 -2.67 29.84
CA ALA A 140 -10.84 -3.24 30.36
C ALA A 140 -10.01 -2.27 31.23
N MET A 141 -10.55 -1.08 31.48
CA MET A 141 -9.92 -0.06 32.30
C MET A 141 -10.36 -0.20 33.73
N PRO A 142 -9.45 -0.01 34.67
CA PRO A 142 -9.95 -0.06 36.04
C PRO A 142 -10.78 1.16 36.37
N GLY A 143 -11.90 0.95 37.04
CA GLY A 143 -12.74 2.05 37.49
C GLY A 143 -11.97 3.10 38.26
N PHE A 144 -11.11 2.68 39.19
CA PHE A 144 -10.51 3.67 40.04
C PHE A 144 -9.69 4.66 39.20
N ILE A 145 -9.15 4.20 38.06
CA ILE A 145 -8.41 5.08 37.14
C ILE A 145 -9.40 5.88 36.36
N ALA A 146 -10.42 5.19 35.85
CA ALA A 146 -11.53 5.82 35.13
C ALA A 146 -12.05 7.09 35.78
N LYS A 147 -12.33 7.01 37.08
CA LYS A 147 -12.80 8.17 37.85
C LYS A 147 -11.74 9.27 38.04
N ARG A 148 -10.48 8.95 37.79
CA ARG A 148 -9.46 10.00 37.73
C ARG A 148 -9.43 10.72 36.39
N LEU A 149 -9.96 10.10 35.35
CA LEU A 149 -10.08 10.79 34.07
C LEU A 149 -11.40 11.54 34.02
N CYS A 150 -12.40 11.03 34.73
CA CYS A 150 -13.76 11.54 34.61
C CYS A 150 -14.36 11.47 35.99
N PRO A 151 -14.10 12.51 36.79
CA PRO A 151 -14.56 12.57 38.16
C PRO A 151 -16.02 12.19 38.27
N GLN A 152 -16.84 12.72 37.35
CA GLN A 152 -18.28 12.54 37.43
C GLN A 152 -18.81 11.25 36.79
N LEU A 153 -17.92 10.36 36.41
CA LEU A 153 -18.29 9.05 35.86
C LEU A 153 -19.09 8.25 36.87
N ILE A 154 -20.23 7.71 36.43
CA ILE A 154 -21.09 6.86 37.23
C ILE A 154 -20.84 5.37 36.93
N ILE A 155 -20.41 4.57 37.92
CA ILE A 155 -20.22 3.12 37.65
C ILE A 155 -21.38 2.25 38.14
N VAL A 156 -22.20 1.85 37.19
CA VAL A 156 -23.27 0.93 37.43
C VAL A 156 -22.74 -0.50 37.52
N PRO A 157 -23.21 -1.28 38.48
CA PRO A 157 -22.86 -2.70 38.51
C PRO A 157 -23.61 -3.46 37.45
N PRO A 158 -23.00 -4.51 36.87
CA PRO A 158 -23.62 -5.19 35.76
C PRO A 158 -24.68 -6.16 36.20
N ASN A 159 -25.58 -6.45 35.26
CA ASN A 159 -26.76 -7.24 35.55
C ASN A 159 -27.07 -8.05 34.31
N PHE A 160 -26.35 -9.16 34.15
CA PHE A 160 -26.29 -9.84 32.87
C PHE A 160 -27.65 -10.38 32.47
N ASP A 161 -28.42 -10.79 33.46
CA ASP A 161 -29.75 -11.31 33.20
C ASP A 161 -30.59 -10.27 32.48
N LYS A 162 -30.18 -9.00 32.56
CA LYS A 162 -30.89 -7.88 31.94
C LYS A 162 -30.41 -7.67 30.51
N TYR A 163 -29.12 -7.96 30.28
CA TYR A 163 -28.52 -7.88 28.96
C TYR A 163 -28.94 -9.09 28.13
N ARG A 164 -28.98 -10.27 28.74
CA ARG A 164 -29.50 -11.42 28.00
C ARG A 164 -30.91 -11.09 27.51
N ALA A 165 -31.72 -10.51 28.41
CA ALA A 165 -33.03 -9.92 28.05
C ALA A 165 -33.08 -9.20 26.72
N VAL A 166 -32.10 -8.34 26.47
CA VAL A 166 -32.09 -7.53 25.26
C VAL A 166 -31.46 -8.27 24.09
N SER A 167 -30.51 -9.15 24.36
CA SER A 167 -29.94 -9.91 23.28
C SER A 167 -31.03 -10.72 22.66
N LYS A 168 -31.74 -11.49 23.49
CA LYS A 168 -32.88 -12.29 22.99
C LYS A 168 -33.78 -11.41 22.16
N GLU A 169 -34.22 -10.30 22.74
CA GLU A 169 -35.10 -9.34 22.07
C GLU A 169 -34.69 -9.04 20.63
N VAL A 170 -33.40 -8.69 20.43
CA VAL A 170 -32.91 -8.30 19.10
C VAL A 170 -32.89 -9.50 18.18
N LYS A 171 -32.55 -10.67 18.72
CA LYS A 171 -32.49 -11.87 17.92
C LYS A 171 -33.87 -12.19 17.28
N GLU A 172 -34.96 -11.93 18.01
CA GLU A 172 -36.31 -12.04 17.41
C GLU A 172 -36.40 -11.31 16.06
N ILE A 173 -35.60 -10.25 15.89
CA ILE A 173 -35.47 -9.56 14.59
C ILE A 173 -34.56 -10.31 13.65
N LEU A 174 -33.34 -10.61 14.10
CA LEU A 174 -32.37 -11.22 13.21
C LEU A 174 -32.92 -12.49 12.62
N ALA A 175 -33.66 -13.26 13.43
CA ALA A 175 -34.45 -14.38 12.93
C ALA A 175 -34.97 -14.12 11.53
N ASP A 176 -35.70 -13.03 11.37
CA ASP A 176 -36.42 -12.75 10.13
C ASP A 176 -35.56 -12.62 8.90
N TYR A 177 -34.23 -12.60 9.05
CA TYR A 177 -33.34 -12.41 7.92
C TYR A 177 -32.43 -13.58 7.69
N ASP A 178 -31.57 -13.91 8.65
CA ASP A 178 -30.90 -15.19 8.58
C ASP A 178 -31.33 -16.04 9.76
N PRO A 179 -32.48 -16.69 9.62
CA PRO A 179 -32.95 -17.59 10.69
C PRO A 179 -31.93 -18.64 11.12
N ASN A 180 -30.82 -18.76 10.37
CA ASN A 180 -29.71 -19.61 10.77
C ASN A 180 -28.45 -18.79 10.98
N PHE A 181 -28.62 -17.56 11.46
CA PHE A 181 -27.47 -16.71 11.76
C PHE A 181 -26.68 -17.36 12.88
N MET A 182 -25.47 -16.85 13.13
CA MET A 182 -24.71 -17.27 14.31
C MET A 182 -24.41 -16.03 15.12
N ALA A 183 -24.46 -16.16 16.45
CA ALA A 183 -24.28 -15.02 17.37
C ALA A 183 -23.06 -15.21 18.27
N MET A 184 -22.13 -14.27 18.19
CA MET A 184 -20.81 -14.39 18.84
C MET A 184 -20.82 -14.09 20.34
N SER A 185 -21.82 -13.34 20.77
CA SER A 185 -21.84 -12.81 22.12
C SER A 185 -23.22 -12.27 22.33
N LEU A 186 -23.52 -11.86 23.55
CA LEU A 186 -24.78 -11.22 23.83
C LEU A 186 -24.94 -9.96 22.95
N ASP A 187 -23.86 -9.47 22.36
CA ASP A 187 -23.91 -8.19 21.65
C ASP A 187 -23.62 -8.25 20.14
N GLU A 188 -23.06 -9.36 19.65
CA GLU A 188 -22.69 -9.51 18.23
C GLU A 188 -23.38 -10.69 17.58
N ALA A 189 -23.65 -10.56 16.29
CA ALA A 189 -24.03 -11.69 15.46
C ALA A 189 -23.62 -11.41 14.02
N TYR A 190 -23.07 -12.41 13.33
CA TYR A 190 -22.92 -12.36 11.87
C TYR A 190 -24.19 -12.94 11.24
N LEU A 191 -24.69 -12.36 10.15
CA LEU A 191 -25.87 -12.91 9.44
C LEU A 191 -25.56 -13.14 7.97
N ASN A 192 -26.43 -13.86 7.29
CA ASN A 192 -26.28 -13.97 5.84
C ASN A 192 -27.57 -13.69 5.07
N ILE A 193 -27.75 -12.44 4.65
CA ILE A 193 -28.93 -12.06 3.86
C ILE A 193 -28.95 -12.60 2.42
N THR A 194 -27.82 -13.11 1.93
CA THR A 194 -27.72 -13.77 0.61
C THR A 194 -29.07 -14.27 0.12
N LYS A 195 -29.70 -15.09 0.95
CA LYS A 195 -30.98 -15.67 0.64
C LYS A 195 -32.06 -14.60 0.70
N HIS A 196 -32.15 -13.88 1.82
CA HIS A 196 -33.25 -12.94 2.02
C HIS A 196 -33.38 -11.92 0.89
N LEU A 197 -32.27 -11.26 0.58
CA LEU A 197 -32.22 -10.26 -0.49
C LEU A 197 -32.88 -10.72 -1.78
N GLU A 198 -32.75 -12.01 -2.08
CA GLU A 198 -33.40 -12.60 -3.26
C GLU A 198 -34.89 -12.39 -3.19
N GLU A 199 -35.54 -13.02 -2.21
CA GLU A 199 -36.97 -12.86 -2.07
C GLU A 199 -37.28 -11.37 -2.06
N ARG A 200 -36.57 -10.65 -1.20
CA ARG A 200 -36.74 -9.20 -1.02
C ARG A 200 -36.69 -8.31 -2.30
N GLN A 201 -36.13 -8.80 -3.41
CA GLN A 201 -36.20 -8.09 -4.70
C GLN A 201 -37.63 -7.81 -5.13
N ASN A 202 -38.54 -8.69 -4.74
CA ASN A 202 -39.91 -8.66 -5.25
C ASN A 202 -40.98 -8.28 -4.25
N TRP A 203 -40.60 -7.98 -3.00
CA TRP A 203 -41.59 -7.53 -2.03
C TRP A 203 -42.27 -6.27 -2.55
N PRO A 204 -43.58 -6.13 -2.33
CA PRO A 204 -44.17 -4.83 -2.52
C PRO A 204 -43.65 -3.88 -1.46
N GLU A 205 -44.02 -2.60 -1.55
CA GLU A 205 -43.57 -1.61 -0.57
C GLU A 205 -44.25 -1.78 0.78
N ASP A 206 -45.49 -2.28 0.78
CA ASP A 206 -46.22 -2.54 2.02
C ASP A 206 -45.62 -3.69 2.83
N LYS A 207 -44.88 -4.58 2.16
CA LYS A 207 -44.09 -5.59 2.86
C LYS A 207 -42.85 -4.98 3.53
N ARG A 208 -42.59 -3.70 3.21
CA ARG A 208 -41.39 -3.00 3.67
C ARG A 208 -41.65 -1.64 4.32
N ARG A 209 -42.93 -1.25 4.48
CA ARG A 209 -43.26 0.01 5.17
C ARG A 209 -43.26 -0.19 6.70
N TYR A 210 -42.72 0.80 7.43
CA TYR A 210 -42.71 0.79 8.90
C TYR A 210 -43.16 2.12 9.50
N PHE A 211 -43.80 2.02 10.68
CA PHE A 211 -44.23 3.21 11.42
C PHE A 211 -43.08 3.67 12.34
N ILE A 212 -42.92 4.99 12.49
CA ILE A 212 -41.81 5.57 13.26
C ILE A 212 -42.29 6.18 14.59
N LYS A 213 -42.57 5.32 15.58
CA LYS A 213 -42.95 5.73 16.96
C LYS A 213 -43.42 7.18 17.10
N GLN A 270 -46.24 13.47 7.58
CA GLN A 270 -46.64 12.10 7.30
C GLN A 270 -45.60 11.11 7.85
N ASN A 271 -45.75 10.82 9.15
CA ASN A 271 -44.67 10.22 9.95
C ASN A 271 -44.46 8.69 9.84
N SER A 272 -44.06 8.24 8.66
CA SER A 272 -43.85 6.81 8.39
C SER A 272 -42.87 6.58 7.23
N VAL A 273 -42.14 5.46 7.27
CA VAL A 273 -41.04 5.20 6.32
C VAL A 273 -41.04 3.79 5.72
N VAL A 274 -40.42 3.66 4.54
CA VAL A 274 -40.34 2.39 3.81
C VAL A 274 -38.94 2.15 3.28
N PHE A 275 -38.39 0.97 3.52
CA PHE A 275 -37.01 0.68 3.12
C PHE A 275 -36.95 -0.04 1.80
N GLY A 276 -36.00 0.36 0.97
CA GLY A 276 -35.80 -0.23 -0.36
C GLY A 276 -35.27 -1.65 -0.35
N THR A 277 -34.54 -2.02 -1.40
CA THR A 277 -34.28 -3.43 -1.70
C THR A 277 -32.80 -3.85 -1.78
N SER A 278 -31.86 -2.94 -1.56
CA SER A 278 -30.43 -3.33 -1.54
C SER A 278 -29.96 -3.82 -0.17
N ALA A 279 -28.85 -4.55 -0.17
CA ALA A 279 -28.21 -4.99 1.06
C ALA A 279 -27.97 -3.80 2.02
N GLN A 280 -27.42 -2.72 1.47
CA GLN A 280 -27.32 -1.46 2.19
C GLN A 280 -28.68 -1.05 2.80
N GLU A 281 -29.76 -1.28 2.04
CA GLU A 281 -31.10 -0.99 2.53
C GLU A 281 -31.68 -2.02 3.50
N VAL A 282 -31.26 -3.28 3.49
CA VAL A 282 -31.76 -4.19 4.54
C VAL A 282 -31.12 -3.90 5.87
N VAL A 283 -29.82 -3.65 5.86
CA VAL A 283 -29.13 -3.38 7.11
C VAL A 283 -29.65 -2.05 7.70
N LYS A 284 -29.95 -1.07 6.84
CA LYS A 284 -30.71 0.11 7.29
C LYS A 284 -31.92 -0.37 8.06
N GLU A 285 -32.78 -1.11 7.36
CA GLU A 285 -34.05 -1.58 7.93
C GLU A 285 -33.81 -2.32 9.26
N ILE A 286 -32.85 -3.24 9.28
CA ILE A 286 -32.60 -4.02 10.50
C ILE A 286 -32.33 -3.05 11.63
N ARG A 287 -31.30 -2.24 11.47
CA ARG A 287 -30.92 -1.31 12.53
C ARG A 287 -32.12 -0.49 12.97
N PHE A 288 -32.97 -0.11 12.02
CA PHE A 288 -34.20 0.61 12.37
C PHE A 288 -35.03 -0.16 13.39
N ARG A 289 -35.43 -1.37 13.00
CA ARG A 289 -36.32 -2.17 13.82
C ARG A 289 -35.73 -2.35 15.20
N ILE A 290 -34.43 -2.62 15.25
CA ILE A 290 -33.75 -2.85 16.52
C ILE A 290 -33.81 -1.59 17.35
N GLU A 291 -33.65 -0.43 16.74
CA GLU A 291 -33.78 0.81 17.52
C GLU A 291 -35.23 1.01 17.97
N GLN A 292 -36.17 0.80 17.05
CA GLN A 292 -37.59 0.97 17.41
C GLN A 292 -38.06 0.05 18.52
N LYS A 293 -37.54 -1.18 18.59
CA LYS A 293 -37.92 -2.14 19.61
C LYS A 293 -37.31 -1.85 20.98
N THR A 294 -36.01 -1.60 21.01
CA THR A 294 -35.24 -1.56 22.27
C THR A 294 -34.71 -0.17 22.65
N THR A 295 -34.75 0.76 21.72
CA THR A 295 -34.18 2.08 21.94
C THR A 295 -32.67 2.08 21.84
N LEU A 296 -32.06 0.90 21.78
CA LEU A 296 -30.62 0.82 21.61
C LEU A 296 -30.29 0.83 20.10
N THR A 297 -29.14 1.43 19.75
CA THR A 297 -28.68 1.43 18.35
C THR A 297 -27.64 0.35 18.07
N ALA A 298 -27.52 -0.01 16.80
CA ALA A 298 -26.45 -0.91 16.37
C ALA A 298 -25.66 -0.31 15.21
N SER A 299 -24.38 -0.62 15.13
CA SER A 299 -23.58 -0.37 13.94
C SER A 299 -23.55 -1.72 13.27
N ALA A 300 -23.37 -1.73 11.95
CA ALA A 300 -23.37 -2.98 11.18
C ALA A 300 -22.44 -2.90 10.00
N GLY A 301 -21.81 -4.03 9.67
CA GLY A 301 -20.79 -4.06 8.63
C GLY A 301 -21.03 -5.10 7.58
N ILE A 302 -21.30 -4.63 6.36
CA ILE A 302 -21.69 -5.45 5.22
C ILE A 302 -20.46 -5.74 4.38
N ALA A 303 -20.31 -6.97 3.96
CA ALA A 303 -19.14 -7.38 3.22
C ALA A 303 -19.47 -8.71 2.60
N PRO A 304 -18.48 -9.34 1.98
CA PRO A 304 -18.77 -10.62 1.36
C PRO A 304 -18.14 -11.80 2.11
N ASN A 305 -17.61 -11.55 3.30
CA ASN A 305 -17.22 -12.63 4.21
C ASN A 305 -17.20 -12.07 5.66
N THR A 306 -16.81 -12.87 6.65
CA THR A 306 -16.88 -12.42 8.04
C THR A 306 -15.78 -11.43 8.39
N MET A 307 -14.51 -11.82 8.22
CA MET A 307 -13.42 -10.93 8.63
C MET A 307 -13.70 -9.51 8.20
N LEU A 308 -13.95 -9.33 6.91
CA LEU A 308 -14.24 -8.01 6.41
C LEU A 308 -15.49 -7.41 7.09
N ALA A 309 -16.45 -8.25 7.48
CA ALA A 309 -17.70 -7.74 8.07
C ALA A 309 -17.48 -7.05 9.40
N LYS A 310 -16.82 -7.70 10.35
CA LYS A 310 -16.63 -7.07 11.66
C LYS A 310 -15.81 -5.81 11.51
N VAL A 311 -14.85 -5.80 10.59
CA VAL A 311 -14.04 -4.62 10.41
C VAL A 311 -14.90 -3.48 9.88
N CYS A 312 -15.84 -3.82 8.99
CA CYS A 312 -16.81 -2.84 8.51
C CYS A 312 -17.80 -2.39 9.58
N SER A 313 -18.24 -3.33 10.40
CA SER A 313 -19.24 -2.98 11.38
C SER A 313 -18.74 -1.78 12.14
N ASP A 314 -17.42 -1.78 12.42
CA ASP A 314 -16.79 -0.80 13.30
C ASP A 314 -16.35 0.48 12.58
N LYS A 315 -16.29 0.48 11.25
CA LYS A 315 -15.85 1.69 10.52
C LYS A 315 -16.87 2.85 10.57
N ASN A 316 -18.05 2.66 11.14
CA ASN A 316 -19.03 3.77 11.28
C ASN A 316 -19.77 3.77 12.64
N LYS A 317 -19.09 3.32 13.69
CA LYS A 317 -19.67 3.32 15.01
C LYS A 317 -19.68 4.72 15.51
N PRO A 318 -20.62 5.01 16.40
CA PRO A 318 -21.76 4.15 16.66
C PRO A 318 -22.87 4.60 15.76
N ASN A 319 -23.94 3.83 15.71
CA ASN A 319 -25.09 4.10 14.84
C ASN A 319 -24.75 4.33 13.36
N GLY A 320 -24.36 3.28 12.65
CA GLY A 320 -23.98 3.42 11.25
C GLY A 320 -23.49 2.14 10.60
N GLN A 321 -23.21 2.19 9.30
CA GLN A 321 -22.89 0.98 8.58
C GLN A 321 -22.02 1.20 7.40
N TYR A 322 -21.25 0.19 7.03
CA TYR A 322 -20.28 0.30 5.96
C TYR A 322 -20.29 -0.92 5.07
N GLN A 323 -20.28 -0.67 3.76
CA GLN A 323 -20.27 -1.77 2.77
C GLN A 323 -18.98 -1.82 1.92
N ILE A 324 -18.36 -3.00 1.94
CA ILE A 324 -17.44 -3.42 0.90
C ILE A 324 -18.32 -4.22 -0.04
N LEU A 325 -18.43 -3.78 -1.29
CA LEU A 325 -19.24 -4.48 -2.28
C LEU A 325 -18.48 -5.70 -2.77
N PRO A 326 -19.17 -6.62 -3.46
CA PRO A 326 -18.48 -7.84 -3.89
C PRO A 326 -17.67 -7.66 -5.18
N ASN A 327 -16.35 -7.74 -5.06
CA ASN A 327 -15.44 -7.89 -6.20
C ASN A 327 -14.05 -7.83 -5.64
N ARG A 328 -13.07 -8.29 -6.40
CA ARG A 328 -11.73 -8.35 -5.86
C ARG A 328 -11.26 -6.97 -5.46
N GLN A 329 -11.59 -5.95 -6.26
CA GLN A 329 -11.07 -4.62 -5.97
C GLN A 329 -11.57 -4.08 -4.62
N ALA A 330 -12.88 -3.90 -4.48
CA ALA A 330 -13.42 -3.33 -3.25
C ALA A 330 -12.68 -3.91 -2.06
N VAL A 331 -12.56 -5.23 -2.06
CA VAL A 331 -11.84 -5.91 -1.00
C VAL A 331 -10.40 -5.43 -0.97
N MET A 332 -9.77 -5.32 -2.11
CA MET A 332 -8.39 -4.86 -2.15
C MET A 332 -8.31 -3.39 -1.76
N ASP A 333 -9.16 -2.58 -2.40
CA ASP A 333 -9.23 -1.16 -2.07
C ASP A 333 -9.19 -1.04 -0.57
N PHE A 334 -10.06 -1.79 0.09
CA PHE A 334 -10.20 -1.79 1.55
C PHE A 334 -8.98 -2.34 2.29
N ILE A 335 -8.67 -3.60 2.04
CA ILE A 335 -7.53 -4.26 2.66
C ILE A 335 -6.24 -3.46 2.66
N LYS A 336 -5.98 -2.72 1.58
CA LYS A 336 -4.64 -2.15 1.27
C LYS A 336 -3.90 -1.48 2.43
N ASP A 337 -4.56 -0.54 3.09
CA ASP A 337 -3.91 0.24 4.12
C ASP A 337 -4.52 0.03 5.50
N LEU A 338 -5.10 -1.14 5.69
CA LEU A 338 -5.84 -1.47 6.88
C LEU A 338 -4.87 -1.93 7.96
N PRO A 339 -4.72 -1.15 9.04
CA PRO A 339 -3.69 -1.53 9.96
C PRO A 339 -3.99 -2.87 10.56
N ILE A 340 -3.04 -3.77 10.41
CA ILE A 340 -3.17 -5.16 10.77
C ILE A 340 -3.90 -5.39 12.10
N ARG A 341 -3.68 -4.48 13.05
CA ARG A 341 -4.26 -4.59 14.38
C ARG A 341 -5.78 -4.67 14.36
N LYS A 342 -6.38 -4.06 13.36
CA LYS A 342 -7.82 -3.97 13.32
C LYS A 342 -8.51 -5.26 12.98
N VAL A 343 -7.78 -6.32 12.64
CA VAL A 343 -8.45 -7.59 12.30
C VAL A 343 -8.67 -8.41 13.57
N SER A 344 -9.72 -9.21 13.54
CA SER A 344 -10.05 -10.01 14.71
C SER A 344 -8.98 -11.05 14.91
N GLY A 345 -8.50 -11.17 16.14
CA GLY A 345 -7.50 -12.18 16.44
C GLY A 345 -6.08 -11.68 16.33
N ILE A 346 -5.87 -10.43 15.95
CA ILE A 346 -4.55 -9.85 16.02
C ILE A 346 -4.57 -8.80 17.08
N GLY A 347 -3.61 -8.90 18.01
CA GLY A 347 -3.64 -8.14 19.25
C GLY A 347 -2.38 -7.40 19.66
N LYS A 348 -2.35 -6.95 20.91
CA LYS A 348 -1.22 -6.17 21.48
C LYS A 348 0.10 -6.79 21.08
N VAL A 349 0.17 -8.12 21.17
CA VAL A 349 1.43 -8.86 20.96
C VAL A 349 1.76 -9.09 19.48
N THR A 350 1.01 -9.97 18.81
CA THR A 350 1.18 -10.16 17.36
C THR A 350 1.60 -8.85 16.69
N GLU A 351 0.86 -7.79 16.96
CA GLU A 351 1.19 -6.47 16.45
C GLU A 351 2.61 -6.10 16.76
N LYS A 352 2.98 -6.07 18.03
CA LYS A 352 4.34 -5.67 18.41
C LYS A 352 5.40 -6.52 17.70
N MET A 353 5.14 -7.82 17.53
CA MET A 353 6.05 -8.71 16.77
C MET A 353 6.08 -8.29 15.31
N LEU A 354 4.95 -8.41 14.63
CA LEU A 354 4.91 -8.12 13.23
C LEU A 354 5.49 -6.74 12.99
N LYS A 355 5.04 -5.77 13.74
CA LYS A 355 5.52 -4.40 13.63
C LYS A 355 7.05 -4.34 13.76
N ALA A 356 7.61 -5.25 14.55
CA ALA A 356 9.05 -5.40 14.68
C ALA A 356 9.75 -5.92 13.40
N LEU A 357 8.99 -6.55 12.51
CA LEU A 357 9.44 -6.93 11.17
C LEU A 357 9.05 -5.89 10.12
N GLY A 358 8.61 -4.71 10.56
CA GLY A 358 8.15 -3.67 9.64
C GLY A 358 6.78 -3.88 9.00
N ILE A 359 6.01 -4.85 9.50
CA ILE A 359 4.64 -5.05 9.02
C ILE A 359 3.72 -4.16 9.84
N ILE A 360 2.99 -3.30 9.16
CA ILE A 360 1.96 -2.50 9.81
C ILE A 360 0.59 -2.55 9.13
N THR A 361 0.56 -2.62 7.79
CA THR A 361 -0.70 -2.63 7.05
C THR A 361 -0.90 -3.96 6.32
N CYS A 362 -2.15 -4.30 6.02
CA CYS A 362 -2.42 -5.55 5.36
C CYS A 362 -1.44 -5.80 4.22
N THR A 363 -1.29 -4.83 3.32
CA THR A 363 -0.38 -4.95 2.18
C THR A 363 1.01 -5.39 2.60
N GLU A 364 1.60 -4.68 3.56
CA GLU A 364 2.90 -5.07 4.09
C GLU A 364 2.89 -6.52 4.54
N LEU A 365 1.76 -6.96 5.10
CA LEU A 365 1.58 -8.36 5.49
C LEU A 365 1.66 -9.29 4.28
N TYR A 366 0.84 -9.04 3.26
CA TYR A 366 0.86 -9.84 2.04
C TYR A 366 2.30 -9.99 1.58
N GLN A 367 2.99 -8.89 1.34
CA GLN A 367 4.22 -9.03 0.61
C GLN A 367 5.39 -9.52 1.48
N GLN A 368 5.19 -9.63 2.79
CA GLN A 368 6.16 -10.30 3.67
C GLN A 368 5.95 -11.81 3.74
N ARG A 369 4.87 -12.30 3.12
CA ARG A 369 4.45 -13.71 3.23
C ARG A 369 5.56 -14.72 3.05
N ALA A 370 6.63 -14.32 2.38
CA ALA A 370 7.71 -15.24 2.10
C ALA A 370 8.29 -15.65 3.42
N LEU A 371 8.66 -14.63 4.20
CA LEU A 371 9.33 -14.81 5.47
C LEU A 371 8.39 -15.40 6.51
N LEU A 372 7.14 -14.92 6.52
CA LEU A 372 6.18 -15.31 7.58
C LEU A 372 5.82 -16.79 7.57
N SER A 373 5.59 -17.34 6.39
CA SER A 373 5.30 -18.78 6.26
C SER A 373 6.40 -19.59 6.90
N LEU A 374 7.61 -19.03 6.85
CA LEU A 374 8.83 -19.71 7.20
C LEU A 374 9.32 -19.34 8.61
N LEU A 375 8.72 -18.31 9.22
CA LEU A 375 9.09 -17.93 10.59
C LEU A 375 8.03 -18.25 11.65
N PHE A 376 6.79 -18.41 11.20
CA PHE A 376 5.67 -18.67 12.09
C PHE A 376 5.13 -20.06 11.91
N SER A 377 4.20 -20.40 12.78
CA SER A 377 3.60 -21.70 12.82
C SER A 377 2.70 -21.92 11.61
N GLU A 378 2.54 -23.19 11.27
CA GLU A 378 1.67 -23.62 10.18
C GLU A 378 0.30 -22.91 10.18
N THR A 379 -0.36 -22.84 11.34
CA THR A 379 -1.70 -22.27 11.42
C THR A 379 -1.69 -20.75 11.43
N SER A 380 -0.64 -20.15 12.00
CA SER A 380 -0.53 -18.68 12.06
C SER A 380 -0.33 -18.03 10.68
N TRP A 381 0.68 -18.46 9.92
CA TRP A 381 0.95 -17.83 8.64
C TRP A 381 -0.20 -18.06 7.70
N HIS A 382 -0.77 -19.27 7.73
CA HIS A 382 -2.04 -19.52 7.07
C HIS A 382 -3.03 -18.38 7.36
N TYR A 383 -3.37 -18.18 8.63
CA TYR A 383 -4.27 -17.09 9.00
C TYR A 383 -3.78 -15.78 8.38
N PHE A 384 -2.58 -15.35 8.76
CA PHE A 384 -1.99 -14.10 8.24
C PHE A 384 -2.28 -13.92 6.76
N LEU A 385 -2.02 -14.98 6.00
CA LEU A 385 -2.13 -14.91 4.56
C LEU A 385 -3.56 -14.66 4.14
N HIS A 386 -4.51 -15.34 4.78
CA HIS A 386 -5.93 -15.17 4.46
C HIS A 386 -6.36 -13.74 4.55
N ILE A 387 -5.78 -13.02 5.50
CA ILE A 387 -6.08 -11.59 5.67
C ILE A 387 -5.39 -10.83 4.56
N SER A 388 -4.11 -11.15 4.32
CA SER A 388 -3.35 -10.53 3.25
C SER A 388 -4.25 -10.38 2.03
N LEU A 389 -4.90 -11.47 1.66
CA LEU A 389 -5.75 -11.47 0.49
C LEU A 389 -7.18 -10.97 0.79
N GLY A 390 -7.49 -10.70 2.05
CA GLY A 390 -8.83 -10.23 2.42
C GLY A 390 -9.88 -11.32 2.36
N LEU A 391 -9.47 -12.53 2.73
CA LEU A 391 -10.34 -13.70 2.72
C LEU A 391 -10.81 -14.02 4.11
N GLY A 392 -12.06 -14.48 4.24
CA GLY A 392 -12.59 -14.87 5.53
C GLY A 392 -13.31 -16.21 5.49
N SER A 393 -14.63 -16.14 5.59
CA SER A 393 -15.49 -17.32 5.60
C SER A 393 -16.86 -16.85 5.19
N THR A 394 -17.55 -17.59 4.33
CA THR A 394 -18.90 -17.19 3.92
C THR A 394 -20.00 -18.05 4.52
N HIS A 395 -19.63 -19.16 5.14
CA HIS A 395 -20.63 -20.06 5.72
C HIS A 395 -20.71 -19.88 7.23
N LEU A 396 -21.90 -19.61 7.74
CA LEU A 396 -22.12 -19.44 9.17
C LEU A 396 -22.38 -20.80 9.84
N THR A 397 -21.64 -21.12 10.90
CA THR A 397 -21.53 -22.51 11.41
C THR A 397 -22.65 -22.94 12.37
N ARG A 398 -22.94 -24.25 12.38
CA ARG A 398 -23.89 -24.86 13.32
C ARG A 398 -23.54 -24.46 14.76
N ASP A 399 -24.57 -24.09 15.52
CA ASP A 399 -24.42 -23.52 16.87
C ASP A 399 -23.03 -23.72 17.53
N GLY A 400 -22.61 -24.98 17.71
CA GLY A 400 -21.29 -25.31 18.29
C GLY A 400 -21.32 -26.42 19.35
N GLU A 401 -20.67 -26.16 20.49
CA GLU A 401 -20.65 -27.07 21.67
C GLU A 401 -19.69 -26.53 22.72
N ARG A 402 -20.18 -26.41 23.96
CA ARG A 402 -19.33 -26.01 25.09
C ARG A 402 -18.10 -26.91 25.17
N LYS A 403 -16.91 -26.32 25.08
CA LYS A 403 -15.68 -27.07 25.34
C LYS A 403 -15.29 -26.97 26.83
N SER A 404 -15.70 -25.89 27.52
CA SER A 404 -15.49 -25.78 28.98
C SER A 404 -16.61 -25.05 29.76
N MET A 405 -16.44 -25.02 31.08
CA MET A 405 -17.22 -24.15 31.96
C MET A 405 -16.28 -23.76 33.10
N SER A 406 -16.48 -22.57 33.65
CA SER A 406 -15.44 -21.90 34.42
C SER A 406 -16.04 -20.96 35.44
N VAL A 407 -15.36 -20.82 36.58
CA VAL A 407 -15.72 -19.81 37.58
C VAL A 407 -14.49 -19.47 38.42
N GLU A 408 -14.21 -18.17 38.49
CA GLU A 408 -13.03 -17.65 39.12
C GLU A 408 -13.44 -16.38 39.77
N ARG A 409 -12.67 -15.93 40.75
CA ARG A 409 -13.06 -14.76 41.53
C ARG A 409 -11.84 -14.09 42.15
N THR A 410 -11.93 -12.77 42.34
CA THR A 410 -10.82 -11.96 42.87
C THR A 410 -11.19 -11.36 44.22
N PHE A 411 -10.21 -11.18 45.09
CA PHE A 411 -10.46 -10.82 46.48
C PHE A 411 -9.23 -10.27 47.15
N SER A 412 -9.43 -9.68 48.31
CA SER A 412 -8.33 -9.22 49.13
C SER A 412 -7.51 -10.40 49.59
N GLU A 413 -6.21 -10.16 49.76
CA GLU A 413 -5.26 -11.20 50.10
C GLU A 413 -5.77 -12.23 51.09
N ILE A 414 -5.68 -13.50 50.71
CA ILE A 414 -5.94 -14.64 51.57
C ILE A 414 -4.67 -15.53 51.70
N ASN A 415 -3.94 -15.38 52.80
CA ASN A 415 -2.69 -16.14 53.03
C ASN A 415 -2.81 -17.13 54.18
N LYS A 416 -4.06 -17.46 54.52
CA LYS A 416 -4.37 -18.45 55.54
C LYS A 416 -4.93 -19.64 54.81
N ALA A 417 -4.23 -20.76 54.84
CA ALA A 417 -4.63 -21.93 54.06
C ALA A 417 -6.10 -22.31 54.30
N GLU A 418 -6.51 -22.45 55.57
CA GLU A 418 -7.88 -22.89 55.91
C GLU A 418 -8.96 -22.19 55.07
N GLU A 419 -8.70 -20.93 54.74
CA GLU A 419 -9.63 -20.11 53.96
C GLU A 419 -9.58 -20.47 52.47
N GLN A 420 -8.36 -20.56 51.93
CA GLN A 420 -8.15 -20.92 50.55
C GLN A 420 -9.03 -22.15 50.23
N TYR A 421 -9.01 -23.16 51.09
CA TYR A 421 -9.79 -24.39 50.88
C TYR A 421 -11.28 -24.12 50.90
N SER A 422 -11.71 -23.23 51.79
CA SER A 422 -13.13 -22.91 51.92
C SER A 422 -13.58 -22.23 50.65
N LEU A 423 -12.83 -21.19 50.26
CA LEU A 423 -13.11 -20.46 49.03
C LEU A 423 -13.29 -21.42 47.87
N CYS A 424 -12.35 -22.35 47.73
CA CYS A 424 -12.45 -23.32 46.67
C CYS A 424 -13.79 -24.05 46.73
N GLN A 425 -14.06 -24.67 47.87
CA GLN A 425 -15.31 -25.41 48.08
C GLN A 425 -16.48 -24.63 47.48
N GLU A 426 -16.62 -23.37 47.89
CA GLU A 426 -17.75 -22.54 47.44
C GLU A 426 -17.66 -22.27 45.94
N LEU A 427 -16.44 -22.16 45.41
CA LEU A 427 -16.26 -22.01 43.96
C LEU A 427 -16.75 -23.25 43.25
N CYS A 428 -16.32 -24.41 43.71
CA CYS A 428 -16.76 -25.68 43.14
C CYS A 428 -18.28 -25.80 43.24
N SER A 429 -18.82 -25.43 44.39
CA SER A 429 -20.25 -25.39 44.60
C SER A 429 -20.93 -24.54 43.54
N GLU A 430 -20.45 -23.31 43.38
CA GLU A 430 -20.92 -22.43 42.31
C GLU A 430 -20.95 -23.20 40.99
N LEU A 431 -19.76 -23.61 40.55
CA LEU A 431 -19.57 -24.30 39.28
C LEU A 431 -20.60 -25.39 39.05
N ALA A 432 -20.67 -26.32 40.00
CA ALA A 432 -21.50 -27.51 39.86
C ALA A 432 -22.94 -27.12 39.60
N GLN A 433 -23.41 -26.07 40.24
CA GLN A 433 -24.77 -25.62 40.05
C GLN A 433 -24.99 -25.15 38.61
N ASP A 434 -24.17 -24.21 38.16
CA ASP A 434 -24.22 -23.73 36.77
C ASP A 434 -24.24 -24.92 35.81
N LEU A 435 -23.30 -25.83 36.06
CA LEU A 435 -23.13 -27.07 35.33
C LEU A 435 -24.45 -27.85 35.23
N GLN A 436 -25.07 -28.08 36.40
CA GLN A 436 -26.36 -28.78 36.49
C GLN A 436 -27.39 -28.18 35.52
N LYS A 437 -27.39 -26.85 35.39
CA LYS A 437 -28.36 -26.13 34.56
C LYS A 437 -28.28 -26.53 33.09
N GLU A 438 -27.15 -27.07 32.65
CA GLU A 438 -27.01 -27.62 31.30
C GLU A 438 -27.12 -29.16 31.30
N ARG A 439 -27.18 -29.75 32.49
CA ARG A 439 -27.25 -31.21 32.65
C ARG A 439 -26.09 -31.88 31.92
N LEU A 440 -24.89 -31.29 32.09
CA LEU A 440 -23.66 -31.77 31.46
C LEU A 440 -22.71 -32.31 32.53
N LYS A 441 -21.94 -33.34 32.17
CA LYS A 441 -20.94 -33.93 33.06
C LYS A 441 -19.59 -33.91 32.35
N GLY A 442 -18.51 -33.68 33.10
CA GLY A 442 -17.18 -33.51 32.51
C GLY A 442 -16.05 -34.11 33.34
N ARG A 443 -15.03 -34.61 32.66
CA ARG A 443 -13.98 -35.43 33.26
C ARG A 443 -12.55 -34.83 33.23
N THR A 444 -12.43 -33.51 33.27
CA THR A 444 -11.14 -32.88 33.58
C THR A 444 -11.41 -31.67 34.47
N VAL A 445 -10.37 -31.15 35.11
CA VAL A 445 -10.54 -30.09 36.11
C VAL A 445 -9.30 -29.28 36.37
N THR A 446 -9.42 -27.96 36.24
CA THR A 446 -8.31 -27.08 36.47
C THR A 446 -8.61 -26.03 37.50
N ILE A 447 -7.66 -25.82 38.41
CA ILE A 447 -7.69 -24.65 39.26
C ILE A 447 -6.84 -23.57 38.60
N LYS A 448 -7.17 -22.30 38.85
CA LYS A 448 -6.28 -21.18 38.52
C LYS A 448 -5.95 -20.48 39.84
N LEU A 449 -4.72 -19.97 39.99
CA LEU A 449 -4.33 -19.36 41.27
C LEU A 449 -3.32 -18.21 41.10
N LYS A 450 -3.77 -16.97 41.27
CA LYS A 450 -2.94 -15.77 41.03
C LYS A 450 -2.29 -15.17 42.31
N ASN A 451 -0.96 -15.30 42.39
CA ASN A 451 -0.18 -14.69 43.47
C ASN A 451 -0.44 -13.20 43.62
N VAL A 452 -0.03 -12.63 44.76
CA VAL A 452 -0.29 -11.20 45.02
C VAL A 452 0.63 -10.28 44.21
N ASN A 453 1.48 -10.90 43.38
CA ASN A 453 2.29 -10.18 42.43
C ASN A 453 1.70 -10.31 41.04
N PHE A 454 0.51 -10.89 40.94
CA PHE A 454 -0.18 -11.11 39.66
C PHE A 454 0.40 -12.23 38.85
N GLU A 455 1.51 -12.80 39.34
CA GLU A 455 2.09 -14.02 38.79
C GLU A 455 1.03 -15.10 38.96
N VAL A 456 0.86 -15.95 37.94
CA VAL A 456 -0.29 -16.86 37.87
C VAL A 456 0.06 -18.31 37.49
N LYS A 457 -0.19 -19.24 38.40
CA LYS A 457 0.03 -20.67 38.14
C LYS A 457 -1.30 -21.28 37.68
N THR A 458 -1.28 -22.51 37.16
CA THR A 458 -2.53 -23.14 36.71
C THR A 458 -2.40 -24.67 36.59
N ARG A 459 -3.25 -25.40 37.34
CA ARG A 459 -3.09 -26.86 37.51
C ARG A 459 -4.32 -27.66 37.11
N ALA A 460 -4.07 -28.70 36.30
CA ALA A 460 -5.14 -29.50 35.74
C ALA A 460 -5.19 -30.85 36.41
N SER A 461 -6.21 -31.63 36.05
CA SER A 461 -6.34 -33.04 36.46
C SER A 461 -7.49 -33.66 35.66
N THR A 462 -7.43 -34.97 35.41
CA THR A 462 -8.55 -35.64 34.72
C THR A 462 -8.88 -37.02 35.32
N VAL A 463 -10.15 -37.19 35.69
CA VAL A 463 -10.69 -38.47 36.14
C VAL A 463 -11.01 -39.34 34.94
N SER A 464 -11.24 -40.64 35.18
CA SER A 464 -11.56 -41.58 34.10
C SER A 464 -13.07 -41.69 33.81
N SER A 465 -13.90 -41.69 34.86
CA SER A 465 -15.36 -41.84 34.68
C SER A 465 -16.01 -40.58 34.09
N VAL A 466 -16.15 -39.57 34.93
CA VAL A 466 -16.88 -38.32 34.64
C VAL A 466 -17.27 -37.79 36.00
N VAL A 467 -17.11 -36.48 36.19
CA VAL A 467 -17.50 -35.82 37.44
C VAL A 467 -18.66 -34.88 37.11
N SER A 468 -19.34 -34.36 38.12
CA SER A 468 -20.63 -33.68 37.90
C SER A 468 -21.09 -32.71 38.99
N THR A 469 -20.75 -32.93 40.26
CA THR A 469 -21.24 -32.09 41.37
C THR A 469 -20.20 -31.57 42.37
N ALA A 470 -20.64 -30.58 43.15
CA ALA A 470 -19.79 -29.83 44.07
C ALA A 470 -18.73 -30.68 44.75
N GLU A 471 -19.20 -31.54 45.65
CA GLU A 471 -18.33 -32.45 46.42
C GLU A 471 -17.36 -33.23 45.56
N GLU A 472 -17.88 -34.05 44.66
CA GLU A 472 -17.00 -34.89 43.85
C GLU A 472 -15.92 -34.06 43.12
N ILE A 473 -16.31 -32.91 42.57
CA ILE A 473 -15.34 -32.08 41.87
C ILE A 473 -14.52 -31.21 42.83
N PHE A 474 -14.93 -31.13 44.10
CA PHE A 474 -14.10 -30.51 45.14
C PHE A 474 -13.01 -31.48 45.61
N ALA A 475 -13.29 -32.78 45.45
CA ALA A 475 -12.35 -33.81 45.85
C ALA A 475 -11.08 -33.76 45.01
N ILE A 476 -11.20 -33.22 43.80
CA ILE A 476 -10.06 -33.10 42.88
C ILE A 476 -9.37 -31.75 43.13
N ALA A 477 -10.17 -30.68 43.16
CA ALA A 477 -9.69 -29.34 43.47
C ALA A 477 -8.85 -29.32 44.74
N LYS A 478 -9.37 -29.92 45.82
CA LYS A 478 -8.66 -29.95 47.09
C LYS A 478 -7.21 -30.40 46.87
N GLU A 479 -7.04 -31.58 46.27
CA GLU A 479 -5.72 -32.22 46.11
C GLU A 479 -4.83 -31.46 45.12
N LEU A 480 -5.46 -30.75 44.18
CA LEU A 480 -4.73 -29.93 43.22
C LEU A 480 -4.10 -28.74 43.94
N LEU A 481 -4.86 -28.15 44.86
CA LEU A 481 -4.38 -27.07 45.70
C LEU A 481 -3.36 -27.61 46.70
N LYS A 482 -3.73 -28.69 47.37
CA LYS A 482 -2.92 -29.27 48.44
C LYS A 482 -1.44 -29.29 48.09
N THR A 483 -1.12 -29.86 46.93
CA THR A 483 0.27 -29.95 46.47
C THR A 483 0.93 -28.57 46.30
N GLU A 484 0.15 -27.60 45.82
CA GLU A 484 0.67 -26.25 45.59
C GLU A 484 0.89 -25.46 46.88
N ILE A 485 0.21 -25.83 47.97
CA ILE A 485 0.51 -25.24 49.27
C ILE A 485 1.81 -25.84 49.78
N ASP A 486 1.90 -27.17 49.79
CA ASP A 486 3.13 -27.89 50.11
C ASP A 486 4.30 -27.30 49.33
N ALA A 487 4.13 -27.27 48.01
CA ALA A 487 5.14 -26.79 47.09
C ALA A 487 5.82 -25.49 47.56
N ASP A 488 5.03 -24.55 48.07
CA ASP A 488 5.55 -23.27 48.57
C ASP A 488 5.74 -23.28 50.11
N PHE A 489 5.27 -24.32 50.80
CA PHE A 489 5.45 -24.49 52.25
C PHE A 489 6.94 -24.48 52.56
N PRO A 490 7.38 -23.79 53.63
CA PRO A 490 6.79 -23.09 54.75
C PRO A 490 6.43 -21.63 54.44
N HIS A 491 5.88 -21.41 53.27
CA HIS A 491 5.31 -20.13 52.95
C HIS A 491 3.86 -20.32 52.57
N PRO A 492 3.01 -19.40 53.00
CA PRO A 492 1.67 -19.49 52.54
C PRO A 492 1.59 -18.92 51.14
N LEU A 493 0.58 -19.33 50.39
CA LEU A 493 0.30 -18.77 49.10
C LEU A 493 -0.45 -17.48 49.36
N ARG A 494 0.15 -16.35 49.02
CA ARG A 494 -0.52 -15.07 49.16
C ARG A 494 -1.35 -14.89 47.89
N LEU A 495 -2.67 -14.81 48.04
CA LEU A 495 -3.56 -14.87 46.88
C LEU A 495 -4.52 -13.70 46.66
N ARG A 496 -4.82 -13.45 45.38
CA ARG A 496 -5.82 -12.49 44.94
C ARG A 496 -6.93 -13.12 44.11
N LEU A 497 -6.59 -14.15 43.37
CA LEU A 497 -7.51 -14.77 42.44
C LEU A 497 -7.43 -16.27 42.59
N MET A 498 -8.58 -16.92 42.71
CA MET A 498 -8.64 -18.36 42.65
C MET A 498 -9.78 -18.77 41.76
N GLY A 499 -9.56 -19.77 40.91
CA GLY A 499 -10.57 -20.18 39.95
C GLY A 499 -10.58 -21.66 39.67
N VAL A 500 -11.66 -22.12 39.07
CA VAL A 500 -11.90 -23.53 38.86
C VAL A 500 -12.76 -23.75 37.61
N ARG A 501 -12.41 -24.74 36.79
CA ARG A 501 -13.11 -24.99 35.51
C ARG A 501 -13.12 -26.46 35.11
N ILE A 502 -14.32 -27.00 34.81
CA ILE A 502 -14.43 -28.32 34.20
C ILE A 502 -14.13 -28.19 32.72
N SER A 503 -13.77 -29.31 32.10
CA SER A 503 -13.64 -29.36 30.66
C SER A 503 -14.22 -30.70 30.22
N SER A 504 -13.74 -31.25 29.09
CA SER A 504 -14.16 -32.57 28.60
C SER A 504 -15.64 -32.58 28.24
N PHE A 505 -16.14 -33.71 27.74
CA PHE A 505 -17.52 -33.81 27.29
C PHE A 505 -17.90 -35.24 26.91
N PRO A 506 -19.19 -35.57 27.03
CA PRO A 506 -19.82 -36.70 26.33
C PRO A 506 -20.53 -36.34 25.00
N ASN A 507 -20.30 -37.13 23.95
CA ASN A 507 -21.08 -37.04 22.69
C ASN A 507 -21.85 -38.36 22.44
N GLU A 508 -22.41 -38.50 21.24
CA GLU A 508 -23.11 -39.75 20.82
C GLU A 508 -22.21 -41.01 20.91
N GLU A 509 -22.86 -42.15 21.25
CA GLU A 509 -22.31 -43.54 21.16
C GLU A 509 -22.75 -44.38 22.39
N MET B 8 -4.90 17.63 -16.80
CA MET B 8 -4.65 18.84 -17.68
C MET B 8 -4.35 20.07 -16.80
N GLY B 9 -3.78 21.07 -17.47
CA GLY B 9 -3.09 22.16 -16.83
C GLY B 9 -1.67 21.95 -17.29
N LEU B 10 -0.86 23.01 -17.29
CA LEU B 10 0.56 22.89 -17.58
C LEU B 10 1.26 22.52 -16.26
N ASN B 11 1.12 21.26 -15.84
CA ASN B 11 1.76 20.78 -14.60
C ASN B 11 2.65 19.53 -14.80
N ASP B 12 3.90 19.62 -14.33
CA ASP B 12 4.85 18.50 -14.34
C ASP B 12 5.71 18.45 -13.08
N ASN B 13 5.41 17.48 -12.22
CA ASN B 13 6.05 17.36 -10.91
C ASN B 13 7.12 16.28 -10.97
N LYS B 14 8.35 16.64 -11.35
CA LYS B 14 9.42 15.65 -11.54
C LYS B 14 10.86 16.16 -11.35
N ALA B 15 11.71 15.31 -10.77
CA ALA B 15 13.17 15.43 -10.80
C ALA B 15 13.75 16.37 -9.75
N GLY B 16 13.41 17.65 -9.88
CA GLY B 16 14.01 18.69 -9.05
C GLY B 16 13.03 19.53 -8.26
N MET B 17 11.88 19.83 -8.85
CA MET B 17 10.91 20.70 -8.20
C MET B 17 10.39 20.09 -6.90
N GLU B 18 10.95 20.54 -5.78
CA GLU B 18 10.50 20.15 -4.44
C GLU B 18 9.01 20.44 -4.30
N GLY B 19 8.65 21.73 -4.28
CA GLY B 19 7.25 22.13 -4.42
C GLY B 19 6.66 22.99 -3.30
N LEU B 20 5.51 23.64 -3.54
CA LEU B 20 4.92 23.89 -4.87
C LEU B 20 3.97 25.10 -4.75
N ASP B 21 4.08 26.07 -5.65
CA ASP B 21 3.14 27.21 -5.69
C ASP B 21 2.24 27.12 -6.91
N LYS B 22 1.63 25.96 -7.10
CA LYS B 22 0.81 25.68 -8.29
C LYS B 22 -0.36 26.65 -8.48
N GLU B 23 -0.63 27.50 -7.48
CA GLU B 23 -1.59 28.58 -7.64
C GLU B 23 -1.15 29.59 -8.72
N LYS B 24 -0.16 30.43 -8.44
CA LYS B 24 0.26 31.47 -9.39
C LYS B 24 1.04 30.91 -10.59
N ILE B 25 1.46 29.65 -10.54
CA ILE B 25 2.26 29.05 -11.63
C ILE B 25 1.41 28.45 -12.74
N ASN B 26 0.41 27.64 -12.39
CA ASN B 26 -0.55 27.16 -13.37
C ASN B 26 -1.44 28.30 -13.85
N LYS B 27 -1.49 29.38 -13.08
CA LYS B 27 -2.22 30.59 -13.45
C LYS B 27 -1.54 31.30 -14.62
N ILE B 28 -0.27 31.65 -14.44
CA ILE B 28 0.48 32.39 -15.45
C ILE B 28 0.68 31.52 -16.71
N ILE B 29 0.87 30.22 -16.52
CA ILE B 29 1.02 29.28 -17.65
C ILE B 29 -0.24 29.20 -18.52
N MET B 30 -1.42 29.31 -17.90
CA MET B 30 -2.67 29.28 -18.66
C MET B 30 -2.97 30.59 -19.32
N GLU B 31 -2.83 31.68 -18.56
CA GLU B 31 -3.02 33.02 -19.10
C GLU B 31 -2.19 33.21 -20.36
N ALA B 32 -1.00 32.61 -20.41
CA ALA B 32 -0.16 32.65 -21.62
C ALA B 32 -0.65 31.70 -22.71
N THR B 33 -1.08 30.49 -22.33
CA THR B 33 -1.50 29.46 -23.28
C THR B 33 -2.87 29.71 -23.91
N LYS B 34 -3.80 30.23 -23.11
CA LYS B 34 -5.16 30.50 -23.60
C LYS B 34 -5.12 31.26 -24.93
N GLY B 35 -5.85 30.75 -25.92
CA GLY B 35 -5.95 31.40 -27.23
C GLY B 35 -4.72 31.30 -28.10
N SER B 36 -4.16 30.09 -28.21
CA SER B 36 -3.08 29.83 -29.17
C SER B 36 -3.53 28.76 -30.14
N ARG B 37 -2.91 28.72 -31.31
CA ARG B 37 -3.17 27.65 -32.28
C ARG B 37 -2.80 26.34 -31.60
N PHE B 38 -1.72 26.42 -30.82
CA PHE B 38 -1.20 25.30 -30.04
C PHE B 38 -2.19 24.73 -29.06
N TYR B 39 -2.62 25.59 -28.14
CA TYR B 39 -3.53 25.20 -27.06
C TYR B 39 -4.72 24.42 -27.60
N GLY B 40 -5.26 24.90 -28.71
CA GLY B 40 -6.30 24.20 -29.43
C GLY B 40 -5.92 22.76 -29.64
N ASN B 41 -4.77 22.54 -30.24
CA ASN B 41 -4.35 21.18 -30.53
C ASN B 41 -4.34 20.30 -29.28
N GLU B 42 -3.66 20.75 -28.23
CA GLU B 42 -3.59 19.94 -27.01
C GLU B 42 -4.99 19.60 -26.51
N LEU B 43 -5.95 20.52 -26.68
CA LEU B 43 -7.35 20.22 -26.39
C LEU B 43 -7.85 19.05 -27.20
N LYS B 44 -7.46 18.98 -28.46
CA LYS B 44 -7.83 17.85 -29.31
C LYS B 44 -7.19 16.57 -28.82
N LYS B 45 -5.93 16.66 -28.40
CA LYS B 45 -5.20 15.50 -27.94
C LYS B 45 -5.87 15.01 -26.65
N GLU B 46 -5.94 15.88 -25.65
CA GLU B 46 -6.67 15.57 -24.41
C GLU B 46 -8.02 14.92 -24.73
N LYS B 47 -8.87 15.60 -25.49
CA LYS B 47 -10.16 15.03 -25.89
C LYS B 47 -9.95 13.68 -26.58
N GLN B 48 -8.95 13.59 -27.45
CA GLN B 48 -8.61 12.32 -28.10
C GLN B 48 -8.36 11.20 -27.07
N VAL B 49 -7.76 11.54 -25.93
CA VAL B 49 -7.44 10.55 -24.89
C VAL B 49 -8.65 10.21 -24.01
N ASN B 50 -9.41 11.22 -23.62
CA ASN B 50 -10.64 11.01 -22.83
C ASN B 50 -11.51 9.94 -23.46
N GLN B 51 -11.63 9.98 -24.78
CA GLN B 51 -12.32 8.94 -25.53
C GLN B 51 -11.58 7.62 -25.35
N ARG B 52 -10.28 7.62 -25.63
CA ARG B 52 -9.48 6.42 -25.45
C ARG B 52 -9.86 5.80 -24.11
N ILE B 53 -9.96 6.63 -23.07
CA ILE B 53 -10.34 6.19 -21.70
C ILE B 53 -11.79 5.73 -21.64
N GLU B 54 -12.71 6.66 -21.87
CA GLU B 54 -14.13 6.36 -21.98
C GLU B 54 -14.37 4.98 -22.60
N ASN B 55 -13.68 4.71 -23.71
CA ASN B 55 -13.72 3.38 -24.34
C ASN B 55 -13.34 2.26 -23.41
N MET B 56 -12.19 2.40 -22.78
CA MET B 56 -11.67 1.39 -21.86
C MET B 56 -12.68 1.04 -20.77
N MET B 57 -13.38 2.05 -20.30
CA MET B 57 -14.37 1.86 -19.25
C MET B 57 -15.51 0.98 -19.73
N GLN B 58 -15.94 1.19 -20.96
CA GLN B 58 -16.98 0.36 -21.55
C GLN B 58 -16.48 -1.06 -21.75
N GLN B 59 -15.29 -1.20 -22.32
CA GLN B 59 -14.67 -2.51 -22.47
C GLN B 59 -14.64 -3.20 -21.11
N LYS B 60 -14.24 -2.46 -20.07
CA LYS B 60 -14.32 -2.98 -18.71
C LYS B 60 -15.77 -3.39 -18.45
N ALA B 61 -16.67 -2.41 -18.52
CA ALA B 61 -18.09 -2.57 -18.15
C ALA B 61 -18.70 -3.93 -18.44
N GLN B 62 -18.61 -4.35 -19.70
CA GLN B 62 -19.17 -5.63 -20.13
C GLN B 62 -18.12 -6.76 -20.10
N ILE B 63 -17.22 -6.74 -19.11
CA ILE B 63 -16.38 -7.91 -18.80
C ILE B 63 -17.09 -8.75 -17.78
N THR B 64 -16.96 -10.06 -17.93
CA THR B 64 -17.73 -11.02 -17.15
C THR B 64 -17.08 -11.21 -15.79
N SER B 65 -17.88 -11.39 -14.76
CA SER B 65 -17.33 -11.67 -13.45
C SER B 65 -16.62 -13.02 -13.44
N GLN B 66 -17.17 -13.97 -14.20
CA GLN B 66 -16.50 -15.25 -14.44
C GLN B 66 -15.15 -15.00 -15.11
N GLN B 67 -15.15 -14.07 -16.08
CA GLN B 67 -14.01 -13.77 -16.95
C GLN B 67 -12.80 -13.17 -16.21
N LEU B 68 -13.02 -12.25 -15.27
CA LEU B 68 -11.91 -11.67 -14.46
C LEU B 68 -11.32 -12.71 -13.51
N ARG B 69 -12.15 -13.67 -13.07
CA ARG B 69 -11.70 -14.80 -12.24
C ARG B 69 -10.67 -15.60 -13.03
N LYS B 70 -11.02 -15.90 -14.28
CA LYS B 70 -10.16 -16.64 -15.19
C LYS B 70 -8.91 -15.84 -15.61
N ALA B 71 -8.99 -14.51 -15.55
CA ALA B 71 -7.81 -13.67 -15.77
C ALA B 71 -6.87 -13.78 -14.57
N GLN B 72 -7.42 -13.66 -13.36
CA GLN B 72 -6.62 -13.85 -12.13
C GLN B 72 -5.87 -15.16 -12.25
N LEU B 73 -6.54 -16.21 -12.73
CA LEU B 73 -5.89 -17.47 -13.02
C LEU B 73 -4.61 -17.22 -13.80
N GLN B 74 -4.76 -16.78 -15.05
CA GLN B 74 -3.62 -16.62 -15.95
C GLN B 74 -2.51 -15.77 -15.31
N VAL B 75 -2.83 -14.54 -14.95
CA VAL B 75 -1.82 -13.59 -14.49
C VAL B 75 -1.07 -14.12 -13.27
N ASP B 76 -1.81 -14.61 -12.28
CA ASP B 76 -1.18 -15.15 -11.08
C ASP B 76 -0.13 -16.19 -11.41
N ARG B 77 -0.45 -17.06 -12.38
CA ARG B 77 0.51 -18.07 -12.81
C ARG B 77 1.80 -17.34 -13.15
N PHE B 78 1.72 -16.44 -14.13
CA PHE B 78 2.91 -15.79 -14.64
C PHE B 78 3.75 -15.23 -13.51
N ALA B 79 3.11 -14.48 -12.62
CA ALA B 79 3.80 -13.91 -11.46
C ALA B 79 4.62 -14.97 -10.76
N MET B 80 3.96 -16.07 -10.41
CA MET B 80 4.62 -17.14 -9.65
C MET B 80 6.01 -17.31 -10.19
N GLU B 81 6.10 -17.78 -11.45
CA GLU B 81 7.38 -18.11 -12.09
C GLU B 81 8.27 -16.88 -12.21
N LEU B 82 7.64 -15.74 -12.48
CA LEU B 82 8.35 -14.49 -12.70
C LEU B 82 9.09 -14.05 -11.44
N GLU B 83 8.44 -14.26 -10.28
CA GLU B 83 9.09 -14.01 -8.99
C GLU B 83 10.15 -15.07 -8.74
N GLN B 84 9.84 -16.30 -9.14
CA GLN B 84 10.77 -17.42 -9.04
C GLN B 84 11.99 -17.25 -9.96
N SER B 85 11.94 -16.26 -10.84
CA SER B 85 13.10 -15.90 -11.68
C SER B 85 13.84 -14.69 -11.14
N ARG B 86 13.28 -14.00 -10.14
CA ARG B 86 13.86 -12.75 -9.65
C ARG B 86 15.39 -12.85 -9.56
N ASN B 87 16.08 -11.94 -10.24
CA ASN B 87 17.54 -11.89 -10.27
C ASN B 87 18.04 -10.69 -9.46
N LEU B 88 18.48 -10.93 -8.23
CA LEU B 88 18.97 -9.88 -7.34
C LEU B 88 20.49 -9.95 -7.17
N SER B 89 21.16 -10.56 -8.14
CA SER B 89 22.59 -10.86 -8.05
C SER B 89 23.51 -9.70 -8.48
N ASN B 90 23.04 -8.82 -9.36
CA ASN B 90 23.87 -7.73 -9.91
C ASN B 90 23.63 -6.34 -9.27
N THR B 91 24.72 -5.66 -8.89
CA THR B 91 24.66 -4.23 -8.55
C THR B 91 24.61 -3.44 -9.85
N ILE B 92 23.64 -2.52 -9.96
CA ILE B 92 23.44 -1.74 -11.19
C ILE B 92 23.26 -0.27 -10.86
N VAL B 93 24.29 0.52 -11.07
CA VAL B 93 24.22 1.95 -10.75
C VAL B 93 23.65 2.69 -11.95
N HIS B 94 23.11 3.88 -11.69
CA HIS B 94 22.74 4.81 -12.76
C HIS B 94 23.28 6.19 -12.42
N ILE B 95 24.44 6.54 -13.00
CA ILE B 95 25.06 7.85 -12.79
C ILE B 95 24.23 8.89 -13.55
N ASP B 96 23.93 10.02 -12.91
CA ASP B 96 23.12 11.09 -13.55
C ASP B 96 23.57 12.49 -13.13
N MET B 97 23.64 13.37 -14.13
CA MET B 97 24.18 14.70 -13.95
C MET B 97 23.11 15.65 -13.47
N ASP B 98 23.46 16.42 -12.45
CA ASP B 98 22.55 17.39 -11.87
C ASP B 98 22.49 18.65 -12.73
N ALA B 99 21.32 18.91 -13.32
CA ALA B 99 21.08 20.16 -14.03
C ALA B 99 22.14 20.40 -15.11
N PHE B 100 22.41 19.36 -15.89
CA PHE B 100 23.60 19.29 -16.76
C PHE B 100 23.89 20.55 -17.59
N TYR B 101 23.14 20.78 -18.68
CA TYR B 101 23.47 21.87 -19.61
C TYR B 101 23.70 23.15 -18.82
N ALA B 102 22.70 23.53 -18.05
CA ALA B 102 22.78 24.71 -17.19
C ALA B 102 23.92 24.63 -16.17
N ALA B 103 24.31 23.42 -15.77
CA ALA B 103 25.38 23.23 -14.78
C ALA B 103 26.78 23.50 -15.34
N VAL B 104 26.91 23.44 -16.66
CA VAL B 104 28.17 23.77 -17.30
C VAL B 104 28.34 25.28 -17.25
N GLU B 105 27.34 25.99 -17.75
CA GLU B 105 27.39 27.45 -17.89
C GLU B 105 27.37 28.11 -16.52
N MET B 106 26.96 27.36 -15.49
CA MET B 106 27.15 27.76 -14.11
C MET B 106 28.64 27.90 -13.88
N ARG B 107 29.38 26.80 -14.04
CA ARG B 107 30.83 26.80 -13.84
C ARG B 107 31.56 27.60 -14.92
N ASP B 108 31.25 27.33 -16.19
CA ASP B 108 31.91 28.02 -17.34
C ASP B 108 31.87 29.54 -17.25
N ASN B 109 30.95 30.08 -16.46
CA ASN B 109 30.86 31.51 -16.25
C ASN B 109 30.27 31.87 -14.89
N PRO B 110 31.05 32.56 -14.04
CA PRO B 110 30.61 32.85 -12.67
C PRO B 110 29.54 33.93 -12.60
N GLU B 111 29.47 34.78 -13.63
CA GLU B 111 28.47 35.84 -13.65
C GLU B 111 27.07 35.28 -13.45
N LEU B 112 26.84 34.05 -13.93
CA LEU B 112 25.53 33.39 -13.84
C LEU B 112 25.36 32.40 -12.67
N LYS B 113 26.28 32.42 -11.70
CA LYS B 113 26.32 31.42 -10.61
C LYS B 113 25.13 31.53 -9.64
N ASP B 114 25.14 32.60 -8.84
CA ASP B 114 24.06 32.84 -7.87
C ASP B 114 22.89 33.60 -8.51
N LYS B 115 22.29 33.00 -9.53
CA LYS B 115 21.17 33.62 -10.25
C LYS B 115 20.53 32.60 -11.18
N PRO B 116 19.23 32.76 -11.46
CA PRO B 116 18.48 31.76 -12.23
C PRO B 116 18.89 31.77 -13.69
N ILE B 117 18.71 30.65 -14.38
CA ILE B 117 19.18 30.51 -15.76
C ILE B 117 18.55 29.29 -16.43
N ALA B 118 18.60 29.24 -17.76
CA ALA B 118 18.02 28.12 -18.51
C ALA B 118 18.53 28.05 -19.97
N VAL B 119 19.29 27.00 -20.26
CA VAL B 119 19.83 26.75 -21.59
C VAL B 119 18.73 26.41 -22.62
N GLY B 120 18.55 27.30 -23.60
CA GLY B 120 17.60 27.09 -24.70
C GLY B 120 17.37 28.34 -25.55
N SER B 121 16.09 28.57 -25.91
CA SER B 121 15.66 29.80 -26.60
C SER B 121 14.28 30.21 -26.10
N MET B 122 13.82 31.39 -26.50
CA MET B 122 12.49 31.87 -26.11
C MET B 122 11.38 31.08 -26.83
N SER B 123 11.76 30.25 -27.79
CA SER B 123 10.87 29.23 -28.33
C SER B 123 10.68 28.07 -27.34
N MET B 124 11.75 27.70 -26.62
CA MET B 124 11.76 26.49 -25.78
C MET B 124 13.09 26.31 -25.04
N LEU B 125 13.01 25.83 -23.80
CA LEU B 125 14.19 25.51 -23.02
C LEU B 125 14.38 24.00 -22.96
N SER B 126 15.63 23.56 -22.79
CA SER B 126 15.96 22.15 -22.62
C SER B 126 16.25 21.80 -21.16
N THR B 127 16.83 22.75 -20.42
CA THR B 127 17.11 22.55 -19.01
C THR B 127 17.12 23.87 -18.22
N SER B 128 17.19 23.77 -16.90
CA SER B 128 17.09 24.93 -16.02
C SER B 128 17.78 24.67 -14.69
N ASN B 129 18.44 25.70 -14.15
CA ASN B 129 19.11 25.58 -12.86
C ASN B 129 18.07 25.52 -11.74
N TYR B 130 18.46 24.98 -10.60
CA TYR B 130 17.53 24.73 -9.50
C TYR B 130 16.95 25.99 -8.89
N HIS B 131 17.72 27.08 -8.93
CA HIS B 131 17.28 28.39 -8.46
C HIS B 131 16.05 28.84 -9.23
N ALA B 132 16.08 28.58 -10.53
CA ALA B 132 14.98 28.90 -11.44
C ALA B 132 13.82 27.90 -11.35
N ARG B 133 14.11 26.62 -11.17
CA ARG B 133 13.06 25.60 -11.05
C ARG B 133 12.10 25.92 -9.90
N ARG B 134 12.65 26.46 -8.81
CA ARG B 134 11.84 26.93 -7.68
C ARG B 134 10.94 28.14 -8.00
N PHE B 135 10.98 28.63 -9.25
CA PHE B 135 10.01 29.62 -9.76
C PHE B 135 8.89 28.94 -10.52
N GLY B 136 9.22 27.84 -11.19
CA GLY B 136 8.32 27.18 -12.11
C GLY B 136 9.01 26.77 -13.40
N VAL B 137 9.90 27.63 -13.89
CA VAL B 137 10.66 27.36 -15.13
C VAL B 137 11.30 25.97 -15.14
N ARG B 138 10.67 25.07 -15.90
CA ARG B 138 11.11 23.67 -16.03
C ARG B 138 11.45 23.38 -17.50
N ALA B 139 12.30 22.39 -17.72
CA ALA B 139 12.67 21.95 -19.07
C ALA B 139 11.48 21.48 -19.92
N ALA B 140 11.64 21.61 -21.24
CA ALA B 140 10.56 21.39 -22.22
C ALA B 140 9.43 22.41 -22.06
N MET B 141 9.81 23.62 -21.63
CA MET B 141 8.90 24.75 -21.51
C MET B 141 9.38 25.84 -22.46
N PRO B 142 8.46 26.54 -23.12
CA PRO B 142 8.82 27.72 -23.89
C PRO B 142 9.40 28.80 -23.01
N GLY B 143 10.31 29.60 -23.55
CA GLY B 143 11.00 30.64 -22.79
C GLY B 143 10.13 31.84 -22.44
N PHE B 144 9.29 32.28 -23.37
CA PHE B 144 8.41 33.43 -23.11
C PHE B 144 7.59 33.23 -21.84
N ILE B 145 7.07 32.01 -21.70
CA ILE B 145 6.29 31.65 -20.53
C ILE B 145 7.16 31.75 -19.29
N ALA B 146 8.26 30.99 -19.27
CA ALA B 146 9.18 30.99 -18.13
C ALA B 146 9.64 32.40 -17.71
N LYS B 147 9.72 33.32 -18.68
CA LYS B 147 10.10 34.70 -18.36
C LYS B 147 8.99 35.40 -17.56
N ARG B 148 7.74 34.99 -17.79
CA ARG B 148 6.60 35.47 -16.99
C ARG B 148 6.61 34.85 -15.58
N LEU B 149 6.89 33.55 -15.49
CA LEU B 149 7.01 32.85 -14.21
C LEU B 149 8.27 33.23 -13.43
N CYS B 150 9.22 33.89 -14.11
CA CYS B 150 10.44 34.40 -13.48
C CYS B 150 10.96 35.61 -14.25
N PRO B 151 10.44 36.81 -13.92
CA PRO B 151 10.88 38.06 -14.54
C PRO B 151 12.40 38.16 -14.68
N GLN B 152 13.12 38.04 -13.56
CA GLN B 152 14.58 38.09 -13.59
C GLN B 152 15.13 36.72 -13.95
N LEU B 153 15.21 36.42 -15.25
CA LEU B 153 15.81 35.15 -15.73
C LEU B 153 16.58 35.32 -17.04
N ILE B 154 17.89 35.08 -17.01
CA ILE B 154 18.71 35.14 -18.20
C ILE B 154 18.73 33.77 -18.85
N ILE B 155 18.24 33.69 -20.08
CA ILE B 155 18.30 32.44 -20.83
C ILE B 155 19.57 32.44 -21.68
N VAL B 156 20.27 31.30 -21.67
CA VAL B 156 21.58 31.16 -22.30
C VAL B 156 21.48 30.26 -23.53
N PRO B 157 22.34 30.50 -24.54
CA PRO B 157 22.32 29.60 -25.70
C PRO B 157 23.01 28.25 -25.42
N PRO B 158 22.53 27.17 -26.08
CA PRO B 158 23.08 25.82 -25.94
C PRO B 158 24.35 25.65 -26.74
N ASN B 159 25.10 24.59 -26.44
CA ASN B 159 26.49 24.46 -26.89
C ASN B 159 27.01 23.01 -26.88
N PHE B 160 26.43 22.17 -27.73
CA PHE B 160 26.76 20.73 -27.75
C PHE B 160 28.26 20.41 -27.92
N ASP B 161 29.11 21.42 -28.07
CA ASP B 161 30.56 21.24 -28.18
C ASP B 161 31.26 21.14 -26.82
N LYS B 162 30.68 21.76 -25.79
CA LYS B 162 31.22 21.66 -24.43
C LYS B 162 30.60 20.45 -23.78
N TYR B 163 29.28 20.35 -23.94
CA TYR B 163 28.51 19.29 -23.32
C TYR B 163 28.89 17.96 -23.94
N ARG B 164 29.26 17.96 -25.21
CA ARG B 164 29.86 16.78 -25.82
C ARG B 164 31.15 16.45 -25.06
N ALA B 165 32.01 17.47 -24.90
CA ALA B 165 33.27 17.35 -24.18
C ALA B 165 33.09 16.80 -22.77
N VAL B 166 32.29 17.50 -21.95
CA VAL B 166 32.14 17.15 -20.54
C VAL B 166 31.59 15.73 -20.31
N SER B 167 30.65 15.32 -21.16
CA SER B 167 30.18 13.93 -21.21
C SER B 167 31.29 12.94 -21.58
N LYS B 168 31.97 13.21 -22.70
CA LYS B 168 33.09 12.36 -23.13
C LYS B 168 34.11 12.20 -22.00
N GLU B 169 34.22 13.22 -21.15
CA GLU B 169 35.16 13.22 -20.02
C GLU B 169 34.64 12.37 -18.87
N VAL B 170 33.43 12.69 -18.43
CA VAL B 170 32.79 11.97 -17.34
C VAL B 170 32.69 10.49 -17.73
N LYS B 171 32.24 10.22 -18.95
CA LYS B 171 32.18 8.85 -19.47
C LYS B 171 33.50 8.12 -19.22
N GLU B 172 34.64 8.81 -19.41
CA GLU B 172 35.98 8.25 -19.18
C GLU B 172 36.22 7.74 -17.75
N ILE B 173 35.52 8.32 -16.78
CA ILE B 173 35.60 7.85 -15.40
C ILE B 173 34.86 6.52 -15.29
N LEU B 174 33.65 6.48 -15.82
CA LEU B 174 32.78 5.30 -15.76
C LEU B 174 33.47 4.06 -16.31
N ALA B 175 34.26 4.26 -17.36
CA ALA B 175 35.02 3.18 -18.00
C ALA B 175 35.70 2.31 -16.95
N ASP B 176 36.47 2.95 -16.07
CA ASP B 176 37.20 2.27 -14.99
C ASP B 176 36.36 1.27 -14.19
N TYR B 177 35.02 1.35 -14.29
CA TYR B 177 34.09 0.55 -13.46
C TYR B 177 33.23 -0.43 -14.25
N ASP B 178 32.70 0.01 -15.38
CA ASP B 178 32.09 -0.90 -16.37
C ASP B 178 32.71 -0.58 -17.75
N PRO B 179 33.18 -1.61 -18.48
CA PRO B 179 33.60 -1.40 -19.87
C PRO B 179 32.41 -1.36 -20.82
N ASN B 180 31.38 -2.15 -20.53
CA ASN B 180 30.16 -2.15 -21.33
C ASN B 180 29.16 -1.13 -20.81
N PHE B 181 29.64 -0.16 -20.02
CA PHE B 181 28.80 0.91 -19.49
C PHE B 181 27.95 1.47 -20.63
N MET B 182 26.71 1.80 -20.31
CA MET B 182 25.71 2.10 -21.31
C MET B 182 25.17 3.52 -21.17
N ALA B 183 25.80 4.43 -21.91
CA ALA B 183 25.37 5.82 -21.97
C ALA B 183 24.03 5.92 -22.71
N MET B 184 23.08 6.62 -22.06
CA MET B 184 21.75 6.85 -22.60
C MET B 184 21.59 8.29 -23.11
N SER B 185 22.27 9.24 -22.45
CA SER B 185 22.29 10.64 -22.87
C SER B 185 23.69 11.24 -22.70
N LEU B 186 23.83 12.53 -23.04
CA LEU B 186 25.08 13.25 -22.77
C LEU B 186 25.26 13.53 -21.28
N ASP B 187 24.46 12.90 -20.42
CA ASP B 187 24.49 13.18 -18.97
C ASP B 187 23.92 12.06 -18.08
N GLU B 188 23.94 10.81 -18.55
CA GLU B 188 23.05 9.79 -18.01
C GLU B 188 23.42 8.37 -18.47
N ALA B 189 23.97 7.54 -17.57
CA ALA B 189 24.38 6.16 -17.92
C ALA B 189 24.06 5.07 -16.87
N TYR B 190 24.32 3.82 -17.26
CA TYR B 190 24.09 2.64 -16.41
C TYR B 190 25.35 1.77 -16.33
N LEU B 191 25.73 1.36 -15.13
CA LEU B 191 26.98 0.64 -14.92
C LEU B 191 26.76 -0.67 -14.16
N ASN B 192 26.89 -1.81 -14.84
CA ASN B 192 26.79 -3.12 -14.20
C ASN B 192 28.03 -3.42 -13.36
N ILE B 193 28.15 -2.81 -12.18
CA ILE B 193 29.39 -2.91 -11.39
C ILE B 193 29.48 -4.15 -10.46
N THR B 194 28.89 -5.27 -10.88
CA THR B 194 29.06 -6.55 -10.19
C THR B 194 30.53 -6.96 -10.17
N LYS B 195 31.13 -7.05 -11.36
CA LYS B 195 32.51 -7.53 -11.48
C LYS B 195 33.51 -6.62 -10.77
N HIS B 196 33.33 -5.30 -10.88
CA HIS B 196 34.24 -4.39 -10.20
C HIS B 196 34.21 -4.66 -8.70
N LEU B 197 33.02 -4.61 -8.11
CA LEU B 197 32.88 -4.90 -6.69
C LEU B 197 33.44 -6.29 -6.33
N GLU B 198 33.12 -7.29 -7.16
CA GLU B 198 33.60 -8.64 -6.94
C GLU B 198 35.13 -8.68 -6.93
N GLU B 199 35.76 -7.54 -7.21
CA GLU B 199 37.21 -7.37 -7.06
C GLU B 199 37.55 -6.38 -5.94
N ARG B 200 36.87 -5.25 -5.90
CA ARG B 200 37.07 -4.25 -4.85
C ARG B 200 37.45 -4.83 -3.49
N GLN B 201 36.83 -5.96 -3.14
CA GLN B 201 37.04 -6.58 -1.84
C GLN B 201 38.51 -7.00 -1.58
N ASN B 202 39.20 -7.46 -2.61
CA ASN B 202 40.66 -7.65 -2.50
C ASN B 202 41.42 -6.33 -2.66
N TRP B 203 40.83 -5.38 -3.41
CA TRP B 203 41.44 -4.06 -3.67
C TRP B 203 41.72 -3.29 -2.39
N PRO B 204 43.02 -3.05 -2.10
CA PRO B 204 43.36 -2.38 -0.85
C PRO B 204 43.10 -0.87 -0.90
N GLU B 205 43.57 -0.18 0.16
CA GLU B 205 43.40 1.26 0.32
C GLU B 205 44.31 2.08 -0.60
N ASP B 206 45.43 1.49 -1.04
CA ASP B 206 46.25 2.08 -2.10
C ASP B 206 45.43 2.17 -3.40
N LYS B 207 44.79 1.08 -3.79
CA LYS B 207 43.96 1.03 -5.00
C LYS B 207 42.66 1.82 -4.88
N ARG B 208 42.25 2.17 -3.66
CA ARG B 208 40.99 2.89 -3.41
C ARG B 208 41.14 4.04 -2.42
N ARG B 209 42.10 4.93 -2.67
CA ARG B 209 42.25 6.19 -1.95
C ARG B 209 42.49 7.32 -2.97
N TYR B 210 42.19 8.56 -2.59
CA TYR B 210 42.30 9.72 -3.53
C TYR B 210 42.86 11.02 -2.90
N PHE B 211 42.84 12.13 -3.67
CA PHE B 211 43.29 13.45 -3.18
C PHE B 211 42.20 14.52 -3.39
N ILE B 212 42.50 15.77 -3.02
CA ILE B 212 41.54 16.88 -3.04
C ILE B 212 42.05 18.14 -3.77
N LYS B 213 41.13 19.03 -4.13
CA LYS B 213 41.47 20.27 -4.81
C LYS B 213 42.07 21.29 -3.84
N ASN B 271 44.65 16.84 -0.07
CA ASN B 271 44.58 15.98 1.12
C ASN B 271 43.73 14.73 0.84
N SER B 272 44.01 13.66 1.58
CA SER B 272 43.50 12.32 1.27
C SER B 272 42.08 12.05 1.75
N VAL B 273 41.58 10.86 1.37
CA VAL B 273 40.20 10.41 1.62
C VAL B 273 40.07 8.93 1.20
N VAL B 274 39.36 8.13 2.02
CA VAL B 274 39.22 6.71 1.75
C VAL B 274 37.84 6.34 1.20
N PHE B 275 37.79 5.33 0.33
CA PHE B 275 36.54 4.83 -0.22
C PHE B 275 36.46 3.31 0.00
N GLY B 276 35.59 2.90 0.93
CA GLY B 276 35.41 1.49 1.30
C GLY B 276 34.89 0.60 0.18
N THR B 277 34.68 -0.68 0.49
CA THR B 277 34.39 -1.68 -0.54
C THR B 277 32.91 -1.93 -0.78
N SER B 278 32.04 -1.10 -0.20
CA SER B 278 30.60 -1.27 -0.40
C SER B 278 30.17 -0.68 -1.74
N ALA B 279 29.21 -1.32 -2.39
CA ALA B 279 28.54 -0.75 -3.59
C ALA B 279 28.21 0.72 -3.36
N GLN B 280 27.79 1.01 -2.12
CA GLN B 280 27.51 2.36 -1.67
C GLN B 280 28.74 3.25 -1.75
N GLU B 281 29.90 2.73 -1.37
CA GLU B 281 31.10 3.55 -1.33
C GLU B 281 31.63 3.90 -2.73
N VAL B 282 31.76 2.91 -3.61
CA VAL B 282 32.20 3.17 -4.98
C VAL B 282 31.47 4.38 -5.54
N VAL B 283 30.14 4.30 -5.55
CA VAL B 283 29.28 5.28 -6.21
C VAL B 283 29.32 6.68 -5.55
N LYS B 284 30.30 6.90 -4.67
CA LYS B 284 30.56 8.21 -4.09
C LYS B 284 31.87 8.66 -4.66
N GLU B 285 32.74 7.68 -4.93
CA GLU B 285 34.00 7.88 -5.65
C GLU B 285 33.78 8.22 -7.10
N ILE B 286 32.88 7.50 -7.76
CA ILE B 286 32.49 7.84 -9.12
C ILE B 286 31.99 9.27 -9.12
N ARG B 287 31.30 9.65 -8.04
CA ARG B 287 30.75 10.99 -7.95
C ARG B 287 31.79 12.02 -7.56
N PHE B 288 32.74 11.65 -6.71
CA PHE B 288 33.79 12.60 -6.34
C PHE B 288 34.75 12.87 -7.49
N ARG B 289 35.13 11.82 -8.22
CA ARG B 289 35.95 11.98 -9.40
C ARG B 289 35.32 13.00 -10.37
N ILE B 290 34.00 12.89 -10.56
CA ILE B 290 33.22 13.84 -11.34
C ILE B 290 33.18 15.25 -10.72
N GLU B 291 33.06 15.33 -9.40
CA GLU B 291 33.09 16.60 -8.68
C GLU B 291 34.45 17.29 -8.84
N GLN B 292 35.51 16.57 -8.47
CA GLN B 292 36.88 17.12 -8.46
C GLN B 292 37.58 17.04 -9.81
N LYS B 293 36.87 16.57 -10.84
CA LYS B 293 37.40 16.60 -12.22
C LYS B 293 36.73 17.67 -13.09
N THR B 294 35.51 18.10 -12.73
CA THR B 294 34.76 19.12 -13.50
C THR B 294 34.19 20.30 -12.71
N THR B 295 33.70 20.06 -11.49
CA THR B 295 32.86 21.03 -10.73
C THR B 295 31.37 20.69 -10.87
N LEU B 296 30.99 20.22 -12.05
CA LEU B 296 29.66 19.65 -12.26
C LEU B 296 29.42 18.56 -11.20
N THR B 297 28.31 18.67 -10.47
CA THR B 297 27.91 17.70 -9.45
C THR B 297 26.98 16.68 -10.11
N ALA B 298 26.99 15.42 -9.66
CA ALA B 298 26.16 14.40 -10.30
C ALA B 298 25.57 13.40 -9.30
N SER B 299 24.25 13.28 -9.28
CA SER B 299 23.56 12.37 -8.36
C SER B 299 23.63 10.92 -8.82
N ALA B 300 23.13 10.00 -7.98
CA ALA B 300 23.24 8.57 -8.30
C ALA B 300 22.09 7.72 -7.73
N GLY B 301 21.87 6.60 -8.40
CA GLY B 301 20.94 5.56 -7.98
C GLY B 301 21.63 4.23 -8.08
N ILE B 302 21.62 3.49 -6.97
CA ILE B 302 22.24 2.19 -6.86
C ILE B 302 21.16 1.17 -6.58
N ALA B 303 21.10 0.09 -7.36
CA ALA B 303 20.01 -0.86 -7.22
C ALA B 303 20.34 -2.25 -7.75
N PRO B 304 19.35 -3.16 -7.74
CA PRO B 304 19.53 -4.47 -8.37
C PRO B 304 18.91 -4.63 -9.76
N ASN B 305 18.48 -3.54 -10.39
CA ASN B 305 18.21 -3.55 -11.83
C ASN B 305 17.95 -2.16 -12.39
N THR B 306 17.88 -2.07 -13.73
CA THR B 306 17.79 -0.80 -14.47
C THR B 306 16.63 0.10 -14.02
N MET B 307 15.48 -0.51 -13.75
CA MET B 307 14.31 0.27 -13.36
C MET B 307 14.54 0.93 -12.02
N LEU B 308 14.70 0.10 -11.00
CA LEU B 308 14.81 0.58 -9.63
C LEU B 308 15.94 1.62 -9.61
N ALA B 309 17.13 1.20 -10.04
CA ALA B 309 18.30 2.09 -10.20
C ALA B 309 17.93 3.49 -10.70
N LYS B 310 17.22 3.56 -11.83
CA LYS B 310 16.86 4.84 -12.47
C LYS B 310 15.86 5.65 -11.68
N VAL B 311 15.21 5.03 -10.71
CA VAL B 311 14.20 5.73 -9.96
C VAL B 311 14.87 6.35 -8.74
N CYS B 312 15.62 5.55 -8.00
CA CYS B 312 16.38 6.05 -6.84
C CYS B 312 17.53 6.96 -7.26
N SER B 313 17.87 6.92 -8.54
CA SER B 313 18.86 7.82 -9.10
C SER B 313 18.41 9.27 -9.01
N ASP B 314 17.11 9.48 -8.87
CA ASP B 314 16.58 10.83 -8.77
C ASP B 314 16.07 11.18 -7.37
N LYS B 315 16.05 10.22 -6.44
CA LYS B 315 15.43 10.46 -5.12
C LYS B 315 16.18 11.53 -4.36
N ASN B 316 17.51 11.44 -4.42
CA ASN B 316 18.37 12.37 -3.71
C ASN B 316 19.08 13.32 -4.67
N LYS B 317 18.46 13.62 -5.80
CA LYS B 317 18.92 14.73 -6.63
C LYS B 317 18.59 16.04 -5.90
N PRO B 318 19.53 17.00 -5.85
CA PRO B 318 20.84 16.99 -6.44
C PRO B 318 21.95 16.57 -5.48
N ASN B 319 23.02 16.03 -6.06
CA ASN B 319 24.26 15.83 -5.36
C ASN B 319 24.26 14.62 -4.42
N GLY B 320 23.13 13.94 -4.26
CA GLY B 320 23.04 12.80 -3.35
C GLY B 320 22.88 11.47 -4.08
N GLN B 321 22.78 10.38 -3.30
CA GLN B 321 22.56 9.06 -3.88
C GLN B 321 21.62 8.20 -3.02
N TYR B 322 21.35 6.99 -3.49
CA TYR B 322 20.43 6.09 -2.83
C TYR B 322 20.65 4.65 -3.28
N GLN B 323 20.43 3.70 -2.37
CA GLN B 323 20.51 2.28 -2.71
C GLN B 323 19.31 1.49 -2.24
N ILE B 324 18.79 0.66 -3.11
CA ILE B 324 17.80 -0.34 -2.75
C ILE B 324 18.55 -1.63 -2.60
N LEU B 325 18.73 -2.12 -1.38
CA LEU B 325 19.67 -3.24 -1.17
C LEU B 325 19.27 -4.52 -1.95
N PRO B 326 20.22 -5.46 -2.13
CA PRO B 326 19.98 -6.66 -2.95
C PRO B 326 18.82 -7.58 -2.56
N ASN B 327 18.28 -7.42 -1.33
CA ASN B 327 17.20 -8.30 -0.84
C ASN B 327 15.81 -7.94 -1.37
N ARG B 328 14.95 -8.96 -1.47
CA ARG B 328 13.62 -8.82 -2.05
C ARG B 328 12.75 -7.81 -1.34
N GLN B 329 12.78 -7.77 -0.01
CA GLN B 329 11.99 -6.76 0.70
C GLN B 329 12.37 -5.37 0.25
N ALA B 330 13.61 -4.95 0.51
CA ALA B 330 14.01 -3.56 0.24
C ALA B 330 13.41 -3.08 -1.06
N VAL B 331 13.51 -3.90 -2.11
CA VAL B 331 12.87 -3.63 -3.40
C VAL B 331 11.37 -3.42 -3.17
N MET B 332 10.72 -4.45 -2.67
CA MET B 332 9.30 -4.40 -2.49
C MET B 332 8.84 -3.28 -1.54
N ASP B 333 9.65 -2.95 -0.54
CA ASP B 333 9.35 -1.87 0.39
C ASP B 333 9.36 -0.51 -0.33
N PHE B 334 10.28 -0.39 -1.26
CA PHE B 334 10.43 0.84 -2.03
C PHE B 334 9.30 1.02 -3.04
N ILE B 335 8.99 -0.08 -3.72
CA ILE B 335 7.91 -0.13 -4.68
C ILE B 335 6.55 0.17 -4.05
N LYS B 336 6.33 -0.26 -2.79
CA LYS B 336 4.99 -0.23 -2.19
C LYS B 336 4.27 1.07 -2.45
N ASP B 337 4.89 2.17 -2.03
CA ASP B 337 4.25 3.46 -2.11
C ASP B 337 5.00 4.34 -3.10
N LEU B 338 5.31 3.79 -4.27
CA LEU B 338 5.97 4.53 -5.37
C LEU B 338 4.93 4.84 -6.46
N PRO B 339 4.75 6.12 -6.80
CA PRO B 339 3.79 6.43 -7.84
C PRO B 339 4.19 5.90 -9.19
N ILE B 340 3.35 5.05 -9.76
CA ILE B 340 3.35 4.68 -11.17
C ILE B 340 4.13 5.64 -12.09
N ARG B 341 3.91 6.93 -11.88
CA ARG B 341 4.47 7.98 -12.72
C ARG B 341 5.98 7.93 -12.72
N LYS B 342 6.56 7.97 -11.53
CA LYS B 342 8.01 8.07 -11.37
C LYS B 342 8.76 7.01 -12.19
N VAL B 343 8.10 5.92 -12.56
CA VAL B 343 8.75 4.92 -13.41
C VAL B 343 9.11 5.45 -14.80
N SER B 344 10.23 4.98 -15.31
CA SER B 344 10.68 5.36 -16.64
C SER B 344 9.88 4.59 -17.67
N GLY B 345 8.91 5.26 -18.28
CA GLY B 345 8.11 4.63 -19.33
C GLY B 345 6.60 4.75 -19.12
N ILE B 346 6.19 5.02 -17.88
CA ILE B 346 4.82 5.42 -17.60
C ILE B 346 4.74 6.91 -17.88
N GLY B 347 3.90 7.27 -18.84
CA GLY B 347 3.85 8.66 -19.34
C GLY B 347 2.82 9.55 -18.68
N LYS B 348 2.24 10.46 -19.45
CA LYS B 348 1.11 11.26 -18.99
C LYS B 348 -0.17 10.56 -19.38
N VAL B 349 -0.18 9.92 -20.54
CA VAL B 349 -1.39 9.25 -20.98
C VAL B 349 -1.57 7.93 -20.24
N THR B 350 -0.49 7.25 -19.89
CA THR B 350 -0.65 6.01 -19.12
C THR B 350 -1.16 6.35 -17.73
N GLU B 351 -0.40 7.19 -17.05
CA GLU B 351 -0.82 7.72 -15.76
C GLU B 351 -2.29 8.11 -15.77
N LYS B 352 -2.68 9.05 -16.62
CA LYS B 352 -4.07 9.52 -16.68
C LYS B 352 -5.07 8.37 -16.87
N MET B 353 -4.74 7.45 -17.76
CA MET B 353 -5.60 6.32 -17.97
C MET B 353 -5.65 5.44 -16.74
N LEU B 354 -4.50 5.02 -16.25
CA LEU B 354 -4.46 4.12 -15.10
C LEU B 354 -5.06 4.74 -13.85
N LYS B 355 -4.90 6.05 -13.71
CA LYS B 355 -5.54 6.78 -12.64
C LYS B 355 -7.05 6.57 -12.77
N ALA B 356 -7.57 6.68 -13.97
CA ALA B 356 -8.99 6.43 -14.19
C ALA B 356 -9.45 5.05 -13.70
N LEU B 357 -8.57 4.06 -13.63
CA LEU B 357 -8.94 2.76 -13.07
C LEU B 357 -8.67 2.63 -11.56
N GLY B 358 -8.07 3.68 -10.98
CA GLY B 358 -7.76 3.69 -9.55
C GLY B 358 -6.35 3.20 -9.24
N ILE B 359 -5.40 3.53 -10.11
CA ILE B 359 -4.01 3.16 -9.88
C ILE B 359 -3.11 4.38 -9.83
N ILE B 360 -2.45 4.55 -8.69
CA ILE B 360 -1.47 5.60 -8.56
C ILE B 360 -0.15 5.03 -8.09
N THR B 361 -0.13 4.24 -7.04
CA THR B 361 1.11 3.61 -6.60
C THR B 361 1.31 2.29 -7.30
N CYS B 362 2.52 1.74 -7.19
CA CYS B 362 2.79 0.42 -7.75
C CYS B 362 1.99 -0.66 -7.08
N THR B 363 1.58 -0.45 -5.83
CA THR B 363 0.82 -1.48 -5.12
C THR B 363 -0.51 -1.66 -5.81
N GLU B 364 -1.17 -0.54 -6.08
CA GLU B 364 -2.39 -0.58 -6.87
C GLU B 364 -2.15 -1.25 -8.23
N LEU B 365 -0.95 -1.12 -8.79
CA LEU B 365 -0.66 -1.78 -10.05
C LEU B 365 -0.66 -3.28 -9.86
N TYR B 366 -0.06 -3.74 -8.77
CA TYR B 366 -0.05 -5.16 -8.51
C TYR B 366 -1.52 -5.63 -8.39
N GLN B 367 -2.25 -5.16 -7.37
CA GLN B 367 -3.66 -5.58 -7.13
C GLN B 367 -4.50 -5.68 -8.40
N GLN B 368 -4.41 -4.66 -9.26
CA GLN B 368 -5.27 -4.55 -10.43
C GLN B 368 -4.91 -5.55 -11.54
N ARG B 369 -3.66 -6.00 -11.56
CA ARG B 369 -3.10 -6.82 -12.67
C ARG B 369 -4.13 -7.64 -13.46
N ALA B 370 -5.10 -8.24 -12.78
CA ALA B 370 -6.12 -9.02 -13.46
C ALA B 370 -6.77 -8.19 -14.56
N LEU B 371 -7.51 -7.17 -14.17
CA LEU B 371 -8.28 -6.37 -15.12
C LEU B 371 -7.39 -5.81 -16.23
N LEU B 372 -6.12 -5.59 -15.92
CA LEU B 372 -5.18 -5.04 -16.92
C LEU B 372 -4.96 -6.04 -18.06
N SER B 373 -4.74 -7.30 -17.69
CA SER B 373 -4.67 -8.39 -18.65
C SER B 373 -5.85 -8.37 -19.61
N LEU B 374 -7.07 -8.25 -19.07
CA LEU B 374 -8.26 -8.19 -19.92
C LEU B 374 -8.31 -6.88 -20.72
N LEU B 375 -7.71 -5.80 -20.21
CA LEU B 375 -7.83 -4.48 -20.86
C LEU B 375 -6.67 -3.97 -21.73
N PHE B 376 -5.47 -4.58 -21.64
CA PHE B 376 -4.29 -4.03 -22.29
C PHE B 376 -3.58 -5.00 -23.22
N SER B 377 -2.63 -4.48 -23.99
CA SER B 377 -1.75 -5.31 -24.81
C SER B 377 -0.90 -6.16 -23.90
N GLU B 378 -0.53 -7.34 -24.38
CA GLU B 378 0.27 -8.26 -23.58
C GLU B 378 1.59 -7.62 -23.17
N THR B 379 2.13 -6.77 -24.04
CA THR B 379 3.39 -6.06 -23.77
C THR B 379 3.23 -5.09 -22.63
N SER B 380 2.12 -4.36 -22.67
CA SER B 380 1.75 -3.45 -21.62
C SER B 380 1.58 -4.20 -20.30
N TRP B 381 0.61 -5.10 -20.22
CA TRP B 381 0.37 -5.74 -18.93
C TRP B 381 1.59 -6.54 -18.44
N HIS B 382 2.37 -7.13 -19.35
CA HIS B 382 3.66 -7.71 -18.97
C HIS B 382 4.55 -6.64 -18.33
N TYR B 383 4.69 -5.52 -19.02
CA TYR B 383 5.52 -4.42 -18.55
C TYR B 383 4.97 -3.98 -17.20
N PHE B 384 3.66 -3.76 -17.14
CA PHE B 384 3.02 -3.33 -15.89
C PHE B 384 3.38 -4.25 -14.74
N LEU B 385 2.98 -5.51 -14.84
CA LEU B 385 3.31 -6.52 -13.82
C LEU B 385 4.80 -6.51 -13.46
N HIS B 386 5.65 -6.27 -14.44
CA HIS B 386 7.09 -6.22 -14.18
C HIS B 386 7.42 -5.14 -13.15
N ILE B 387 6.88 -3.93 -13.33
CA ILE B 387 7.01 -2.89 -12.33
C ILE B 387 6.49 -3.38 -10.97
N SER B 388 5.20 -3.69 -10.95
CA SER B 388 4.49 -4.00 -9.72
C SER B 388 5.20 -5.06 -8.86
N LEU B 389 5.79 -6.07 -9.49
CA LEU B 389 6.44 -7.16 -8.74
C LEU B 389 7.91 -6.86 -8.41
N GLY B 390 8.35 -5.64 -8.74
CA GLY B 390 9.71 -5.18 -8.43
C GLY B 390 10.75 -5.51 -9.50
N LEU B 391 10.61 -6.70 -10.09
CA LEU B 391 11.47 -7.18 -11.18
C LEU B 391 11.67 -6.20 -12.36
N GLY B 392 12.91 -6.08 -12.83
CA GLY B 392 13.29 -5.18 -13.97
C GLY B 392 14.20 -5.84 -15.00
N SER B 393 15.33 -5.20 -15.34
CA SER B 393 16.30 -5.75 -16.31
C SER B 393 17.72 -5.75 -15.76
N THR B 394 18.41 -6.88 -15.87
CA THR B 394 19.55 -7.17 -15.00
C THR B 394 20.93 -7.29 -15.68
N HIS B 395 20.97 -7.84 -16.89
CA HIS B 395 22.22 -7.93 -17.67
C HIS B 395 22.04 -7.11 -18.94
N LEU B 396 22.48 -5.86 -18.89
CA LEU B 396 22.19 -4.86 -19.93
C LEU B 396 22.82 -5.15 -21.29
N THR B 397 22.28 -4.52 -22.33
CA THR B 397 22.55 -4.85 -23.75
C THR B 397 24.02 -4.71 -24.23
N ARG B 398 24.28 -5.26 -25.41
CA ARG B 398 25.64 -5.35 -26.02
C ARG B 398 26.56 -4.09 -25.99
N ASP B 399 26.09 -2.91 -26.42
CA ASP B 399 24.71 -2.66 -26.89
C ASP B 399 24.62 -2.43 -28.42
N GLY B 400 23.39 -2.50 -28.97
CA GLY B 400 23.13 -2.37 -30.42
C GLY B 400 23.42 -0.99 -31.00
N GLU B 401 23.23 -0.85 -32.31
CA GLU B 401 23.56 0.41 -33.02
C GLU B 401 22.30 1.21 -33.36
N ARG B 402 22.34 1.97 -34.46
CA ARG B 402 21.31 2.98 -34.81
C ARG B 402 20.23 2.45 -35.74
N LYS B 403 19.04 3.03 -35.67
CA LYS B 403 17.90 2.60 -36.49
C LYS B 403 17.37 3.72 -37.40
N SER B 404 17.71 4.96 -37.10
CA SER B 404 17.24 6.10 -37.89
C SER B 404 18.08 7.37 -37.71
N MET B 405 17.98 8.27 -38.66
CA MET B 405 18.50 9.61 -38.53
C MET B 405 17.46 10.56 -39.11
N SER B 406 17.53 11.82 -38.70
CA SER B 406 16.43 12.72 -39.00
C SER B 406 16.79 14.17 -38.71
N VAL B 407 16.23 15.06 -39.52
CA VAL B 407 16.28 16.48 -39.22
C VAL B 407 14.89 16.99 -39.30
N GLU B 408 14.61 18.02 -38.50
CA GLU B 408 13.38 18.78 -38.62
C GLU B 408 13.67 20.23 -38.27
N ARG B 409 12.83 21.16 -38.75
CA ARG B 409 12.88 22.53 -38.25
C ARG B 409 11.53 23.25 -38.16
N THR B 410 11.38 24.03 -37.09
CA THR B 410 10.18 24.82 -36.81
C THR B 410 10.45 26.25 -37.22
N PHE B 411 9.53 26.79 -38.00
CA PHE B 411 9.74 28.11 -38.63
C PHE B 411 8.48 28.96 -38.58
N SER B 412 8.66 30.21 -38.99
CA SER B 412 7.54 31.09 -39.25
C SER B 412 6.84 30.57 -40.51
N GLU B 413 5.51 30.63 -40.53
CA GLU B 413 4.70 29.99 -41.60
C GLU B 413 5.31 30.17 -42.97
N ILE B 414 5.40 29.07 -43.70
CA ILE B 414 5.80 29.08 -45.10
C ILE B 414 4.59 28.59 -45.91
N ASN B 415 3.85 29.51 -46.53
CA ASN B 415 2.69 29.12 -47.35
C ASN B 415 3.10 28.50 -48.69
N LYS B 416 4.16 29.03 -49.28
CA LYS B 416 4.41 28.88 -50.72
C LYS B 416 5.02 27.52 -51.11
N ALA B 417 4.31 26.79 -51.98
CA ALA B 417 4.62 25.39 -52.27
C ALA B 417 5.98 25.17 -52.96
N GLU B 418 6.52 26.18 -53.63
CA GLU B 418 7.85 26.06 -54.22
C GLU B 418 8.92 26.08 -53.13
N GLU B 419 8.86 27.11 -52.29
CA GLU B 419 9.70 27.21 -51.09
C GLU B 419 9.68 25.94 -50.25
N GLN B 420 8.56 25.23 -50.30
CA GLN B 420 8.38 24.01 -49.52
C GLN B 420 9.18 22.79 -50.04
N TYR B 421 9.67 22.84 -51.28
CA TYR B 421 10.68 21.84 -51.72
C TYR B 421 12.08 22.32 -51.43
N SER B 422 12.27 23.64 -51.33
CA SER B 422 13.54 24.17 -50.88
C SER B 422 13.80 23.61 -49.48
N LEU B 423 12.87 23.82 -48.55
CA LEU B 423 12.95 23.23 -47.22
C LEU B 423 13.39 21.79 -47.38
N CYS B 424 12.62 21.03 -48.17
CA CYS B 424 12.91 19.63 -48.40
C CYS B 424 14.32 19.42 -48.99
N GLN B 425 14.66 20.17 -50.04
CA GLN B 425 16.00 20.13 -50.63
C GLN B 425 17.05 20.30 -49.54
N GLU B 426 16.82 21.26 -48.64
CA GLU B 426 17.82 21.71 -47.65
C GLU B 426 17.93 20.79 -46.44
N LEU B 427 16.78 20.43 -45.88
CA LEU B 427 16.75 19.40 -44.85
C LEU B 427 17.40 18.13 -45.39
N CYS B 428 17.18 17.84 -46.68
CA CYS B 428 17.75 16.63 -47.33
C CYS B 428 19.27 16.61 -47.42
N SER B 429 19.89 17.76 -47.72
CA SER B 429 21.35 17.91 -47.70
C SER B 429 21.86 17.74 -46.26
N GLU B 430 21.40 18.64 -45.39
CA GLU B 430 21.67 18.59 -43.97
C GLU B 430 21.73 17.16 -43.41
N LEU B 431 20.78 16.33 -43.80
CA LEU B 431 20.75 14.94 -43.33
C LEU B 431 21.81 14.09 -44.01
N ALA B 432 21.86 14.13 -45.33
CA ALA B 432 22.86 13.38 -46.07
C ALA B 432 24.20 13.65 -45.41
N GLN B 433 24.50 14.93 -45.24
CA GLN B 433 25.72 15.36 -44.59
C GLN B 433 25.93 14.60 -43.30
N ASP B 434 25.04 14.77 -42.34
CA ASP B 434 25.17 14.09 -41.04
C ASP B 434 25.33 12.58 -41.13
N LEU B 435 24.95 12.03 -42.27
CA LEU B 435 24.98 10.60 -42.48
C LEU B 435 26.34 10.16 -43.00
N GLN B 436 26.92 10.94 -43.91
CA GLN B 436 28.32 10.72 -44.27
C GLN B 436 29.20 10.75 -43.02
N LYS B 437 28.79 11.49 -41.99
CA LYS B 437 29.55 11.56 -40.75
C LYS B 437 29.70 10.16 -40.12
N GLU B 438 28.79 9.23 -40.38
CA GLU B 438 28.89 7.88 -39.83
C GLU B 438 28.89 6.79 -40.88
N ARG B 439 29.09 7.16 -42.15
CA ARG B 439 29.09 6.22 -43.27
C ARG B 439 27.85 5.31 -43.30
N LEU B 440 26.69 5.86 -42.91
CA LEU B 440 25.44 5.11 -42.91
C LEU B 440 24.68 5.31 -44.23
N LYS B 441 24.03 4.24 -44.69
CA LYS B 441 23.14 4.25 -45.84
C LYS B 441 21.89 3.37 -45.54
N GLY B 442 20.72 3.82 -46.02
CA GLY B 442 19.44 3.13 -45.79
C GLY B 442 18.39 3.27 -46.91
N ARG B 443 17.18 2.79 -46.63
CA ARG B 443 16.16 2.56 -47.68
C ARG B 443 14.86 3.37 -47.57
N THR B 444 14.33 3.50 -46.35
CA THR B 444 13.04 4.16 -46.15
C THR B 444 13.22 5.63 -45.80
N VAL B 445 12.80 6.51 -46.70
CA VAL B 445 12.74 7.93 -46.37
C VAL B 445 11.33 8.27 -45.91
N THR B 446 11.28 9.11 -44.88
CA THR B 446 10.03 9.49 -44.22
C THR B 446 10.09 10.99 -43.97
N ILE B 447 8.93 11.65 -44.04
CA ILE B 447 8.91 13.10 -43.92
C ILE B 447 7.82 13.60 -42.96
N LYS B 448 8.15 14.57 -42.11
CA LYS B 448 7.18 15.16 -41.17
C LYS B 448 6.77 16.57 -41.62
N LEU B 449 5.49 16.68 -41.99
CA LEU B 449 4.87 17.95 -42.30
C LEU B 449 3.82 18.19 -41.21
N LYS B 450 3.69 19.44 -40.78
CA LYS B 450 2.87 19.79 -39.63
C LYS B 450 2.44 21.25 -39.69
N ASN B 451 1.14 21.48 -39.51
CA ASN B 451 0.50 22.78 -39.81
C ASN B 451 0.68 23.83 -38.71
N VAL B 452 0.37 25.09 -39.02
CA VAL B 452 0.27 26.15 -37.99
C VAL B 452 -0.71 25.75 -36.90
N ASN B 453 -1.71 24.94 -37.27
CA ASN B 453 -2.59 24.25 -36.32
C ASN B 453 -2.15 22.78 -36.03
N PHE B 454 -0.84 22.61 -35.89
CA PHE B 454 -0.16 21.44 -35.24
C PHE B 454 -0.56 19.98 -35.51
N GLU B 455 -1.48 19.69 -36.43
CA GLU B 455 -1.73 18.29 -36.81
C GLU B 455 -0.43 17.74 -37.43
N VAL B 456 -0.26 16.41 -37.48
CA VAL B 456 0.97 15.82 -38.05
C VAL B 456 0.75 14.78 -39.16
N LYS B 457 1.63 14.85 -40.16
CA LYS B 457 1.62 13.96 -41.31
C LYS B 457 3.01 13.37 -41.42
N THR B 458 3.10 12.06 -41.68
CA THR B 458 4.37 11.43 -42.08
C THR B 458 4.17 10.29 -43.09
N ARG B 459 4.20 10.65 -44.37
CA ARG B 459 4.18 9.67 -45.46
C ARG B 459 5.63 9.17 -45.75
N ALA B 460 5.74 7.91 -46.21
CA ALA B 460 7.05 7.24 -46.34
C ALA B 460 7.13 6.20 -47.47
N SER B 461 8.06 6.40 -48.38
CA SER B 461 8.39 5.42 -49.42
C SER B 461 9.72 4.72 -49.06
N THR B 462 9.81 3.44 -49.41
CA THR B 462 10.97 2.60 -49.06
C THR B 462 11.49 1.84 -50.29
N VAL B 463 12.56 2.35 -50.89
CA VAL B 463 13.11 1.74 -52.11
C VAL B 463 13.92 0.48 -51.78
N SER B 464 14.05 -0.39 -52.77
CA SER B 464 14.88 -1.60 -52.63
C SER B 464 16.36 -1.23 -52.62
N SER B 465 16.71 -0.14 -53.30
CA SER B 465 18.07 0.39 -53.33
C SER B 465 18.42 1.04 -52.01
N VAL B 466 19.63 0.81 -51.53
CA VAL B 466 20.13 1.58 -50.40
C VAL B 466 20.38 3.01 -50.91
N VAL B 467 20.45 3.98 -50.01
CA VAL B 467 20.65 5.39 -50.37
C VAL B 467 21.45 6.14 -49.29
N SER B 468 22.25 7.12 -49.67
CA SER B 468 23.10 7.80 -48.69
C SER B 468 23.35 9.28 -48.94
N THR B 469 22.79 9.80 -50.03
CA THR B 469 23.30 11.03 -50.63
C THR B 469 22.20 12.05 -50.88
N ALA B 470 22.53 13.32 -50.62
CA ALA B 470 21.58 14.43 -50.71
C ALA B 470 20.56 14.32 -51.84
N GLU B 471 21.00 13.83 -52.99
CA GLU B 471 20.14 13.75 -54.13
C GLU B 471 19.38 12.44 -54.11
N GLU B 472 20.06 11.34 -53.79
CA GLU B 472 19.39 10.03 -53.76
C GLU B 472 18.17 10.11 -52.86
N ILE B 473 18.25 10.92 -51.81
CA ILE B 473 17.15 11.12 -50.86
C ILE B 473 16.08 12.09 -51.40
N PHE B 474 16.47 13.31 -51.75
CA PHE B 474 15.51 14.31 -52.25
C PHE B 474 14.85 13.80 -53.54
N ALA B 475 15.39 12.74 -54.12
CA ALA B 475 14.73 11.99 -55.18
C ALA B 475 13.40 11.42 -54.70
N ILE B 476 13.39 10.99 -53.44
CA ILE B 476 12.25 10.31 -52.84
C ILE B 476 11.34 11.30 -52.13
N ALA B 477 11.94 12.13 -51.26
CA ALA B 477 11.21 13.15 -50.52
C ALA B 477 10.39 14.06 -51.46
N LYS B 478 10.96 14.42 -52.61
CA LYS B 478 10.27 15.25 -53.60
C LYS B 478 8.95 14.62 -54.02
N GLU B 479 8.90 13.29 -54.06
CA GLU B 479 7.69 12.56 -54.44
C GLU B 479 6.60 12.65 -53.38
N LEU B 480 6.98 12.29 -52.16
CA LEU B 480 6.05 12.24 -51.04
C LEU B 480 5.55 13.63 -50.70
N LEU B 481 6.41 14.64 -50.77
CA LEU B 481 5.96 16.02 -50.55
C LEU B 481 5.04 16.44 -51.67
N LYS B 482 5.36 16.09 -52.90
CA LYS B 482 4.46 16.41 -54.03
C LYS B 482 3.10 15.76 -53.75
N THR B 483 3.09 14.47 -53.42
CA THR B 483 1.85 13.74 -53.13
C THR B 483 1.00 14.33 -51.98
N GLU B 484 1.64 15.09 -51.07
CA GLU B 484 0.95 15.79 -49.96
C GLU B 484 0.78 17.31 -50.15
N ILE B 485 1.08 17.83 -51.34
CA ILE B 485 0.63 19.16 -51.76
C ILE B 485 -0.51 18.96 -52.75
N ASP B 486 -0.32 18.00 -53.65
CA ASP B 486 -1.28 17.68 -54.71
C ASP B 486 -2.59 17.12 -54.16
N ALA B 487 -2.49 16.35 -53.08
CA ALA B 487 -3.65 15.70 -52.46
C ALA B 487 -4.66 16.74 -52.04
N ASP B 488 -4.17 17.95 -51.75
CA ASP B 488 -5.01 19.08 -51.36
C ASP B 488 -4.96 20.22 -52.40
N PHE B 489 -5.24 19.92 -53.67
CA PHE B 489 -5.16 20.95 -54.74
C PHE B 489 -6.35 21.91 -54.65
N PRO B 490 -6.10 23.22 -54.47
CA PRO B 490 -4.90 24.00 -54.47
C PRO B 490 -4.65 24.57 -53.07
N HIS B 491 -4.69 23.69 -52.06
CA HIS B 491 -4.46 24.07 -50.67
C HIS B 491 -2.98 24.38 -50.47
N PRO B 492 -2.64 25.68 -50.35
CA PRO B 492 -1.24 26.11 -50.28
C PRO B 492 -0.67 25.88 -48.88
N LEU B 493 0.06 24.77 -48.72
CA LEU B 493 0.36 24.22 -47.38
C LEU B 493 0.94 25.21 -46.38
N ARG B 494 0.08 25.64 -45.45
CA ARG B 494 0.46 26.50 -44.33
C ARG B 494 1.16 25.63 -43.29
N LEU B 495 2.47 25.83 -43.12
CA LEU B 495 3.29 24.94 -42.29
C LEU B 495 4.10 25.68 -41.21
N ARG B 496 4.52 24.92 -40.21
CA ARG B 496 5.52 25.38 -39.22
C ARG B 496 6.67 24.37 -39.05
N LEU B 497 6.41 23.09 -39.28
CA LEU B 497 7.45 22.06 -39.11
C LEU B 497 7.58 21.13 -40.32
N MET B 498 8.74 21.22 -40.97
CA MET B 498 9.11 20.31 -42.04
C MET B 498 10.27 19.51 -41.50
N GLY B 499 10.36 18.25 -41.90
CA GLY B 499 11.43 17.37 -41.43
C GLY B 499 11.53 16.05 -42.19
N VAL B 500 12.72 15.48 -42.22
CA VAL B 500 13.01 14.32 -43.07
C VAL B 500 13.86 13.31 -42.32
N ARG B 501 13.60 12.02 -42.56
CA ARG B 501 14.33 10.94 -41.86
C ARG B 501 14.59 9.73 -42.75
N ILE B 502 15.78 9.15 -42.58
CA ILE B 502 16.15 7.91 -43.26
C ILE B 502 16.20 6.76 -42.25
N SER B 503 15.97 5.53 -42.72
CA SER B 503 15.89 4.34 -41.85
C SER B 503 16.07 3.00 -42.58
N SER B 504 16.11 1.92 -41.80
CA SER B 504 16.31 0.52 -42.29
C SER B 504 17.69 0.30 -42.93
N PHE B 505 18.57 -0.25 -42.11
CA PHE B 505 19.97 -0.48 -42.43
C PHE B 505 20.27 -2.00 -42.38
N PRO B 506 21.52 -2.43 -42.64
CA PRO B 506 21.84 -3.87 -42.86
C PRO B 506 22.05 -4.76 -41.63
N ASN B 507 21.96 -4.20 -40.41
CA ASN B 507 22.04 -5.00 -39.17
C ASN B 507 23.28 -5.90 -39.08
P TTD D 5 -7.91 -7.55 37.97
OP1 TTD D 5 -7.56 -8.16 39.28
OP2 TTD D 5 -7.14 -7.94 36.74
O5' TTD D 5 -9.42 -7.96 37.65
C5' TTD D 5 -10.43 -7.61 38.58
C4R TTD D 5 -11.75 -7.75 37.90
O4' TTD D 5 -11.70 -7.54 36.49
C3R TTD D 5 -12.29 -9.14 37.97
O3R TTD D 5 -12.84 -9.46 39.24
C2' TTD D 5 -13.35 -9.15 36.91
C1' TTD D 5 -12.92 -8.04 35.95
N1 TTD D 5 -12.79 -8.63 34.62
C2 TTD D 5 -13.50 -8.18 33.60
O2 TTD D 5 -14.69 -7.92 33.69
N3 TTD D 5 -12.86 -8.02 32.44
C4 TTD D 5 -11.58 -8.29 32.37
O4 TTD D 5 -10.86 -7.59 31.69
C5 TTD D 5 -11.03 -9.47 33.15
C5A TTD D 5 -9.54 -9.24 33.42
C6 TTD D 5 -11.84 -9.72 34.40
PB TTD D 5 -13.02 -11.00 39.64
O5P TTD D 5 -13.43 -11.07 41.08
O4P TTD D 5 -11.76 -11.73 39.20
O5R TTD D 5 -14.21 -11.52 38.71
C5R TTD D 5 -13.84 -12.46 37.73
O4R TTD D 5 -14.69 -11.33 35.81
C2R TTD D 5 -14.63 -13.34 34.56
C1R TTD D 5 -14.74 -11.82 34.47
N1T TTD D 5 -13.75 -11.35 33.48
C2T TTD D 5 -14.08 -11.58 32.13
O2T TTD D 5 -15.18 -11.99 31.86
N3T TTD D 5 -13.21 -11.37 31.17
C4T TTD D 5 -11.97 -10.96 31.33
O4T TTD D 5 -11.29 -10.65 30.38
C5T TTD D 5 -11.36 -10.90 32.70
C5M TTD D 5 -10.18 -11.88 32.74
C6T TTD D 5 -12.33 -11.09 33.86
C4' TTD D 5 -14.96 -12.37 36.74
C3' TTD D 5 -15.06 -13.67 35.97
O3' TTD D 5 -16.41 -14.03 36.01
P TTD F 5 7.27 23.44 -30.91
OP1 TTD F 5 7.30 23.72 -32.39
OP2 TTD F 5 6.42 22.28 -30.47
O5' TTD F 5 8.81 23.22 -30.46
C5' TTD F 5 9.65 24.38 -30.28
C4R TTD F 5 11.12 24.07 -30.57
O4' TTD F 5 11.69 23.28 -29.51
C3R TTD F 5 11.28 23.27 -31.87
O3R TTD F 5 12.44 23.61 -32.62
C2' TTD F 5 11.41 21.88 -31.36
C1' TTD F 5 12.24 22.10 -30.10
N1 TTD F 5 12.19 20.90 -29.26
C2 TTD F 5 12.78 20.87 -28.06
O2 TTD F 5 13.66 21.65 -27.77
N3 TTD F 5 12.36 19.98 -27.17
C4 TTD F 5 11.35 19.14 -27.37
O4 TTD F 5 10.83 18.59 -26.42
C5 TTD F 5 10.78 18.90 -28.79
C5A TTD F 5 9.26 19.03 -28.78
C6 TTD F 5 11.48 19.75 -29.81
PB TTD F 5 12.73 22.84 -33.99
O5P TTD F 5 13.45 23.88 -34.82
O4P TTD F 5 11.49 22.13 -34.51
O5R TTD F 5 13.68 21.62 -33.53
C5R TTD F 5 14.92 21.83 -32.85
O4R TTD F 5 14.97 20.26 -30.96
C2R TTD F 5 14.86 18.21 -32.14
C1R TTD F 5 14.90 18.87 -30.75
N1T TTD F 5 13.70 18.33 -30.03
C2T TTD F 5 14.07 17.22 -29.23
O2T TTD F 5 15.25 16.94 -29.15
N3T TTD F 5 13.19 16.48 -28.61
C4T TTD F 5 11.89 16.66 -28.64
O4T TTD F 5 11.09 16.04 -27.96
C5T TTD F 5 11.32 17.67 -29.58
C5M TTD F 5 10.32 16.97 -30.50
C6T TTD F 5 12.28 18.56 -30.37
C4' TTD F 5 15.52 20.53 -32.27
C3' TTD F 5 15.28 19.28 -33.12
O3' TTD F 5 16.47 18.84 -33.79
PG DTP G . -18.87 -0.66 21.06
O1G DTP G . -19.25 -1.98 20.46
O2G DTP G . -17.44 -0.31 20.76
O3G DTP G . -19.82 0.48 20.81
PB DTP G . -19.57 -2.26 23.28
O1B DTP G . -20.63 -2.89 22.42
O2B DTP G . -19.90 -1.97 24.71
O3B DTP G . -18.97 -0.89 22.65
PA DTP G . -17.97 -4.52 22.44
O1A DTP G . -18.84 -4.62 21.22
O2A DTP G . -16.47 -4.65 22.34
O3A DTP G . -18.24 -3.15 23.23
O5' DTP G . -18.39 -5.57 23.55
C5' DTP G . -19.76 -5.80 23.83
C4' DTP G . -20.02 -5.87 25.33
O4' DTP G . -19.32 -6.97 25.90
C3' DTP G . -19.60 -4.68 26.15
O3' DTP G . -20.61 -3.67 26.11
C2' DTP G . -19.49 -5.27 27.54
C1' DTP G . -19.01 -6.69 27.27
N9 DTP G . -17.57 -6.65 27.43
C8 DTP G . -16.70 -6.20 26.51
N7 DTP G . -15.43 -6.27 26.98
C5 DTP G . -15.50 -6.77 28.21
C6 DTP G . -14.51 -7.08 29.24
N6 DTP G . -13.21 -6.88 29.04
N1 DTP G . -14.98 -7.58 30.38
C2 DTP G . -16.29 -7.79 30.59
N3 DTP G . -17.26 -7.52 29.68
C4 DTP G . -16.91 -7.02 28.50
MG MG H . -20.84 -3.53 20.93
MG MG I . -7.95 -7.04 16.65
PG DTP J . 18.15 16.60 -13.48
O1G DTP J . 19.38 15.74 -13.52
O2G DTP J . 16.86 15.88 -13.83
O3G DTP J . 18.05 17.46 -12.25
PB DTP J . 19.08 17.33 -16.12
O1B DTP J . 19.41 18.64 -16.80
O2B DTP J . 20.15 16.27 -15.94
O3B DTP J . 18.43 17.68 -14.67
PA DTP J . 17.74 15.29 -17.63
O1A DTP J . 18.82 14.36 -17.10
O2A DTP J . 16.29 14.85 -17.59
O3A DTP J . 17.82 16.73 -16.92
O5' DTP J . 18.04 15.64 -19.17
C5' DTP J . 19.36 15.67 -19.70
C4' DTP J . 19.56 16.81 -20.70
O4' DTP J . 18.73 16.64 -21.85
C3' DTP J . 19.24 18.17 -20.09
O3' DTP J . 20.42 18.90 -19.74
C2' DTP J . 18.48 18.92 -21.15
C1' DTP J . 18.09 17.88 -22.20
N9 DTP J . 16.62 17.71 -22.25
C8 DTP J . 15.81 17.31 -21.24
N7 DTP J . 14.51 17.27 -21.64
C5 DTP J . 14.49 17.64 -22.93
C6 DTP J . 13.46 17.81 -23.98
N6 DTP J . 12.15 17.56 -23.71
N1 DTP J . 13.86 18.21 -25.21
C2 DTP J . 15.16 18.47 -25.49
N3 DTP J . 16.16 18.32 -24.59
C4 DTP J . 15.88 17.93 -23.33
MG MG K . 19.86 14.24 -15.25
MG MG L . 7.34 9.01 -16.09
#